data_2HO2
# 
_entry.id   2HO2 
# 
_audit_conform.dict_name       mmcif_pdbx.dic 
_audit_conform.dict_version    5.387 
_audit_conform.dict_location   http://mmcif.pdb.org/dictionaries/ascii/mmcif_pdbx.dic 
# 
loop_
_database_2.database_id 
_database_2.database_code 
_database_2.pdbx_database_accession 
_database_2.pdbx_DOI 
PDB   2HO2         pdb_00002ho2 10.2210/pdb2ho2/pdb 
RCSB  RCSB038564   ?            ?                   
WWPDB D_1000038564 ?            ?                   
# 
loop_
_pdbx_audit_revision_history.ordinal 
_pdbx_audit_revision_history.data_content_type 
_pdbx_audit_revision_history.major_revision 
_pdbx_audit_revision_history.minor_revision 
_pdbx_audit_revision_history.revision_date 
1 'Structure model' 1 0 2007-07-10 
2 'Structure model' 1 1 2007-10-16 
3 'Structure model' 1 2 2011-07-13 
4 'Structure model' 1 3 2017-10-18 
5 'Structure model' 1 4 2024-02-14 
# 
_pdbx_audit_revision_details.ordinal             1 
_pdbx_audit_revision_details.revision_ordinal    1 
_pdbx_audit_revision_details.data_content_type   'Structure model' 
_pdbx_audit_revision_details.provider            repository 
_pdbx_audit_revision_details.type                'Initial release' 
_pdbx_audit_revision_details.description         ? 
_pdbx_audit_revision_details.details             ? 
# 
loop_
_pdbx_audit_revision_group.ordinal 
_pdbx_audit_revision_group.revision_ordinal 
_pdbx_audit_revision_group.data_content_type 
_pdbx_audit_revision_group.group 
1 2 'Structure model' 'Version format compliance' 
2 3 'Structure model' 'Non-polymer description'   
3 3 'Structure model' 'Version format compliance' 
4 4 'Structure model' 'Refinement description'    
5 5 'Structure model' 'Data collection'           
6 5 'Structure model' 'Database references'       
7 5 'Structure model' 'Derived calculations'      
# 
loop_
_pdbx_audit_revision_category.ordinal 
_pdbx_audit_revision_category.revision_ordinal 
_pdbx_audit_revision_category.data_content_type 
_pdbx_audit_revision_category.category 
1 4 'Structure model' software                     
2 5 'Structure model' chem_comp_atom               
3 5 'Structure model' chem_comp_bond               
4 5 'Structure model' database_2                   
5 5 'Structure model' pdbx_struct_special_symmetry 
6 5 'Structure model' struct_ref_seq_dif           
7 5 'Structure model' struct_site                  
# 
loop_
_pdbx_audit_revision_item.ordinal 
_pdbx_audit_revision_item.revision_ordinal 
_pdbx_audit_revision_item.data_content_type 
_pdbx_audit_revision_item.item 
1 5 'Structure model' '_database_2.pdbx_DOI'                
2 5 'Structure model' '_database_2.pdbx_database_accession' 
3 5 'Structure model' '_struct_ref_seq_dif.details'         
4 5 'Structure model' '_struct_site.pdbx_auth_asym_id'      
5 5 'Structure model' '_struct_site.pdbx_auth_comp_id'      
6 5 'Structure model' '_struct_site.pdbx_auth_seq_id'       
# 
_pdbx_database_status.entry_id                        2HO2 
_pdbx_database_status.deposit_site                    RCSB 
_pdbx_database_status.process_site                    RCSB 
_pdbx_database_status.recvd_initial_deposition_date   2006-07-13 
_pdbx_database_status.status_code                     REL 
_pdbx_database_status.status_code_sf                  REL 
_pdbx_database_status.status_code_mr                  ? 
_pdbx_database_status.SG_entry                        ? 
_pdbx_database_status.pdb_format_compatible           Y 
_pdbx_database_status.status_code_cs                  ? 
_pdbx_database_status.methods_development_category    ? 
_pdbx_database_status.status_code_nmr_data            ? 
# 
loop_
_audit_author.name 
_audit_author.pdbx_ordinal 
'Meiyappan, M.' 1 
'Birrane, G.'   2 
'Ladias, J.A.'  3 
# 
_citation.id                        primary 
_citation.title                     'Structural Basis for Polyproline Recognition by the FE65 WW Domain.' 
_citation.journal_abbrev            J.Mol.Biol. 
_citation.journal_volume            372 
_citation.page_first                970 
_citation.page_last                 980 
_citation.year                      2007 
_citation.journal_id_ASTM           JMOBAK 
_citation.country                   UK 
_citation.journal_id_ISSN           0022-2836 
_citation.journal_id_CSD            0070 
_citation.book_publisher            ? 
_citation.pdbx_database_id_PubMed   17686488 
_citation.pdbx_database_id_DOI      10.1016/j.jmb.2007.06.064 
# 
loop_
_citation_author.citation_id 
_citation_author.name 
_citation_author.ordinal 
_citation_author.identifier_ORCID 
primary 'Meiyappan, M.' 1 ? 
primary 'Birrane, G.'   2 ? 
primary 'Ladias, J.A.'  3 ? 
# 
loop_
_entity.id 
_entity.type 
_entity.src_method 
_entity.pdbx_description 
_entity.formula_weight 
_entity.pdbx_number_of_molecules 
_entity.pdbx_ec 
_entity.pdbx_mutation 
_entity.pdbx_fragment 
_entity.details 
1 polymer     man 'Amyloid beta A4 protein-binding family B member 1' 4194.533 1  ? ? 'WW domain' ? 
2 polymer     syn 'Protein enabled homolog'                           1005.206 1  ? ? ?           ? 
3 non-polymer syn GLYCEROL                                            92.094   1  ? ? ?           ? 
4 water       nat water                                               18.015   34 ? ? ?           ? 
# 
loop_
_entity_name_com.entity_id 
_entity_name_com.name 
1 'Fe65 protein' 
2 hMENA          
# 
loop_
_entity_poly.entity_id 
_entity_poly.type 
_entity_poly.nstd_linkage 
_entity_poly.nstd_monomer 
_entity_poly.pdbx_seq_one_letter_code 
_entity_poly.pdbx_seq_one_letter_code_can 
_entity_poly.pdbx_strand_id 
_entity_poly.pdbx_target_identifier 
1 'polypeptide(L)' no no GSDLPAGWMRVQDTSGTYYWHIPTGTTQWEPPGRASPS GSDLPAGWMRVQDTSGTYYWHIPTGTTQWEPPGRASPS A ? 
2 'polypeptide(L)' no no PPPPPPPPPL                             PPPPPPPPPL                             B ? 
# 
loop_
_pdbx_entity_nonpoly.entity_id 
_pdbx_entity_nonpoly.name 
_pdbx_entity_nonpoly.comp_id 
3 GLYCEROL GOL 
4 water    HOH 
# 
loop_
_entity_poly_seq.entity_id 
_entity_poly_seq.num 
_entity_poly_seq.mon_id 
_entity_poly_seq.hetero 
1 1  GLY n 
1 2  SER n 
1 3  ASP n 
1 4  LEU n 
1 5  PRO n 
1 6  ALA n 
1 7  GLY n 
1 8  TRP n 
1 9  MET n 
1 10 ARG n 
1 11 VAL n 
1 12 GLN n 
1 13 ASP n 
1 14 THR n 
1 15 SER n 
1 16 GLY n 
1 17 THR n 
1 18 TYR n 
1 19 TYR n 
1 20 TRP n 
1 21 HIS n 
1 22 ILE n 
1 23 PRO n 
1 24 THR n 
1 25 GLY n 
1 26 THR n 
1 27 THR n 
1 28 GLN n 
1 29 TRP n 
1 30 GLU n 
1 31 PRO n 
1 32 PRO n 
1 33 GLY n 
1 34 ARG n 
1 35 ALA n 
1 36 SER n 
1 37 PRO n 
1 38 SER n 
2 1  PRO n 
2 2  PRO n 
2 3  PRO n 
2 4  PRO n 
2 5  PRO n 
2 6  PRO n 
2 7  PRO n 
2 8  PRO n 
2 9  PRO n 
2 10 LEU n 
# 
_entity_src_gen.entity_id                          1 
_entity_src_gen.pdbx_src_id                        1 
_entity_src_gen.pdbx_alt_source_flag               sample 
_entity_src_gen.pdbx_seq_type                      ? 
_entity_src_gen.pdbx_beg_seq_num                   ? 
_entity_src_gen.pdbx_end_seq_num                   ? 
_entity_src_gen.gene_src_common_name               human 
_entity_src_gen.gene_src_genus                     Homo 
_entity_src_gen.pdbx_gene_src_gene                 'APBB1, FE65' 
_entity_src_gen.gene_src_species                   ? 
_entity_src_gen.gene_src_strain                    ? 
_entity_src_gen.gene_src_tissue                    ? 
_entity_src_gen.gene_src_tissue_fraction           ? 
_entity_src_gen.gene_src_details                   ? 
_entity_src_gen.pdbx_gene_src_fragment             ? 
_entity_src_gen.pdbx_gene_src_scientific_name      'Homo sapiens' 
_entity_src_gen.pdbx_gene_src_ncbi_taxonomy_id     9606 
_entity_src_gen.pdbx_gene_src_variant              ? 
_entity_src_gen.pdbx_gene_src_cell_line            ? 
_entity_src_gen.pdbx_gene_src_atcc                 ? 
_entity_src_gen.pdbx_gene_src_organ                ? 
_entity_src_gen.pdbx_gene_src_organelle            ? 
_entity_src_gen.pdbx_gene_src_cell                 ? 
_entity_src_gen.pdbx_gene_src_cellular_location    ? 
_entity_src_gen.host_org_common_name               ? 
_entity_src_gen.pdbx_host_org_scientific_name      'Escherichia coli' 
_entity_src_gen.pdbx_host_org_ncbi_taxonomy_id     562 
_entity_src_gen.host_org_genus                     Escherichia 
_entity_src_gen.pdbx_host_org_gene                 ? 
_entity_src_gen.pdbx_host_org_organ                ? 
_entity_src_gen.host_org_species                   ? 
_entity_src_gen.pdbx_host_org_tissue               ? 
_entity_src_gen.pdbx_host_org_tissue_fraction      ? 
_entity_src_gen.pdbx_host_org_strain               ? 
_entity_src_gen.pdbx_host_org_variant              ? 
_entity_src_gen.pdbx_host_org_cell_line            ? 
_entity_src_gen.pdbx_host_org_atcc                 ? 
_entity_src_gen.pdbx_host_org_culture_collection   ? 
_entity_src_gen.pdbx_host_org_cell                 ? 
_entity_src_gen.pdbx_host_org_organelle            ? 
_entity_src_gen.pdbx_host_org_cellular_location    ? 
_entity_src_gen.pdbx_host_org_vector_type          plasmid 
_entity_src_gen.pdbx_host_org_vector               ? 
_entity_src_gen.host_org_details                   ? 
_entity_src_gen.expression_system_id               ? 
_entity_src_gen.plasmid_name                       pGEX 
_entity_src_gen.plasmid_details                    ? 
_entity_src_gen.pdbx_description                   ? 
# 
_pdbx_entity_src_syn.entity_id              2 
_pdbx_entity_src_syn.pdbx_src_id            1 
_pdbx_entity_src_syn.pdbx_alt_source_flag   sample 
_pdbx_entity_src_syn.pdbx_beg_seq_num       ? 
_pdbx_entity_src_syn.pdbx_end_seq_num       ? 
_pdbx_entity_src_syn.organism_scientific    ? 
_pdbx_entity_src_syn.organism_common_name   ? 
_pdbx_entity_src_syn.ncbi_taxonomy_id       ? 
_pdbx_entity_src_syn.details                
'The peptide was chemically synthesized. The sequence of the peptide is naturally found in Homo sapiens (human).' 
# 
loop_
_chem_comp.id 
_chem_comp.type 
_chem_comp.mon_nstd_flag 
_chem_comp.name 
_chem_comp.pdbx_synonyms 
_chem_comp.formula 
_chem_comp.formula_weight 
ALA 'L-peptide linking' y ALANINE         ?                               'C3 H7 N O2'     89.093  
ARG 'L-peptide linking' y ARGININE        ?                               'C6 H15 N4 O2 1' 175.209 
ASP 'L-peptide linking' y 'ASPARTIC ACID' ?                               'C4 H7 N O4'     133.103 
GLN 'L-peptide linking' y GLUTAMINE       ?                               'C5 H10 N2 O3'   146.144 
GLU 'L-peptide linking' y 'GLUTAMIC ACID' ?                               'C5 H9 N O4'     147.129 
GLY 'peptide linking'   y GLYCINE         ?                               'C2 H5 N O2'     75.067  
GOL non-polymer         . GLYCEROL        'GLYCERIN; PROPANE-1,2,3-TRIOL' 'C3 H8 O3'       92.094  
HIS 'L-peptide linking' y HISTIDINE       ?                               'C6 H10 N3 O2 1' 156.162 
HOH non-polymer         . WATER           ?                               'H2 O'           18.015  
ILE 'L-peptide linking' y ISOLEUCINE      ?                               'C6 H13 N O2'    131.173 
LEU 'L-peptide linking' y LEUCINE         ?                               'C6 H13 N O2'    131.173 
MET 'L-peptide linking' y METHIONINE      ?                               'C5 H11 N O2 S'  149.211 
PRO 'L-peptide linking' y PROLINE         ?                               'C5 H9 N O2'     115.130 
SER 'L-peptide linking' y SERINE          ?                               'C3 H7 N O3'     105.093 
THR 'L-peptide linking' y THREONINE       ?                               'C4 H9 N O3'     119.119 
TRP 'L-peptide linking' y TRYPTOPHAN      ?                               'C11 H12 N2 O2'  204.225 
TYR 'L-peptide linking' y TYROSINE        ?                               'C9 H11 N O3'    181.189 
VAL 'L-peptide linking' y VALINE          ?                               'C5 H11 N O2'    117.146 
# 
loop_
_pdbx_poly_seq_scheme.asym_id 
_pdbx_poly_seq_scheme.entity_id 
_pdbx_poly_seq_scheme.seq_id 
_pdbx_poly_seq_scheme.mon_id 
_pdbx_poly_seq_scheme.ndb_seq_num 
_pdbx_poly_seq_scheme.pdb_seq_num 
_pdbx_poly_seq_scheme.auth_seq_num 
_pdbx_poly_seq_scheme.pdb_mon_id 
_pdbx_poly_seq_scheme.auth_mon_id 
_pdbx_poly_seq_scheme.pdb_strand_id 
_pdbx_poly_seq_scheme.pdb_ins_code 
_pdbx_poly_seq_scheme.hetero 
A 1 1  GLY 1  252 ?   ?   ?   A . n 
A 1 2  SER 2  253 253 SER SER A . n 
A 1 3  ASP 3  254 254 ASP ASP A . n 
A 1 4  LEU 4  255 255 LEU LEU A . n 
A 1 5  PRO 5  256 256 PRO PRO A . n 
A 1 6  ALA 6  257 257 ALA ALA A . n 
A 1 7  GLY 7  258 258 GLY GLY A . n 
A 1 8  TRP 8  259 259 TRP TRP A . n 
A 1 9  MET 9  260 260 MET MET A . n 
A 1 10 ARG 10 261 261 ARG ARG A . n 
A 1 11 VAL 11 262 262 VAL VAL A . n 
A 1 12 GLN 12 263 263 GLN GLN A . n 
A 1 13 ASP 13 264 264 ASP ASP A . n 
A 1 14 THR 14 265 265 THR THR A . n 
A 1 15 SER 15 266 266 SER SER A . n 
A 1 16 GLY 16 267 267 GLY GLY A . n 
A 1 17 THR 17 268 268 THR THR A . n 
A 1 18 TYR 18 269 269 TYR TYR A . n 
A 1 19 TYR 19 270 270 TYR TYR A . n 
A 1 20 TRP 20 271 271 TRP TRP A . n 
A 1 21 HIS 21 272 272 HIS HIS A . n 
A 1 22 ILE 22 273 273 ILE ILE A . n 
A 1 23 PRO 23 274 274 PRO PRO A . n 
A 1 24 THR 24 275 275 THR THR A . n 
A 1 25 GLY 25 276 276 GLY GLY A . n 
A 1 26 THR 26 277 277 THR THR A . n 
A 1 27 THR 27 278 278 THR THR A . n 
A 1 28 GLN 28 279 279 GLN GLN A . n 
A 1 29 TRP 29 280 280 TRP TRP A . n 
A 1 30 GLU 30 281 281 GLU GLU A . n 
A 1 31 PRO 31 282 282 PRO PRO A . n 
A 1 32 PRO 32 283 283 PRO PRO A . n 
A 1 33 GLY 33 284 284 GLY GLY A . n 
A 1 34 ARG 34 285 285 ARG ARG A . n 
A 1 35 ALA 35 286 ?   ?   ?   A . n 
A 1 36 SER 36 287 ?   ?   ?   A . n 
A 1 37 PRO 37 288 ?   ?   ?   A . n 
A 1 38 SER 38 289 ?   ?   ?   A . n 
B 2 1  PRO 1  1   1   PRO PRO B . n 
B 2 2  PRO 2  2   2   PRO PRO B . n 
B 2 3  PRO 3  3   3   PRO PRO B . n 
B 2 4  PRO 4  4   4   PRO PRO B . n 
B 2 5  PRO 5  5   5   PRO PRO B . n 
B 2 6  PRO 6  6   6   PRO PRO B . n 
B 2 7  PRO 7  7   7   PRO PRO B . n 
B 2 8  PRO 8  8   8   PRO PRO B . n 
B 2 9  PRO 9  9   9   PRO PRO B . n 
B 2 10 LEU 10 10  10  LEU LEU B . n 
# 
loop_
_pdbx_nonpoly_scheme.asym_id 
_pdbx_nonpoly_scheme.entity_id 
_pdbx_nonpoly_scheme.mon_id 
_pdbx_nonpoly_scheme.ndb_seq_num 
_pdbx_nonpoly_scheme.pdb_seq_num 
_pdbx_nonpoly_scheme.auth_seq_num 
_pdbx_nonpoly_scheme.pdb_mon_id 
_pdbx_nonpoly_scheme.auth_mon_id 
_pdbx_nonpoly_scheme.pdb_strand_id 
_pdbx_nonpoly_scheme.pdb_ins_code 
C 3 GOL 1  101 101 GOL GOL A . 
D 4 HOH 1  1   1   HOH HOH A . 
D 4 HOH 2  2   2   HOH HOH A . 
D 4 HOH 3  3   3   HOH HOH A . 
D 4 HOH 4  5   5   HOH HOH A . 
D 4 HOH 5  7   7   HOH HOH A . 
D 4 HOH 6  8   8   HOH HOH A . 
D 4 HOH 7  9   9   HOH HOH A . 
D 4 HOH 8  10  10  HOH HOH A . 
D 4 HOH 9  12  12  HOH HOH A . 
D 4 HOH 10 13  13  HOH HOH A . 
D 4 HOH 11 15  15  HOH HOH A . 
D 4 HOH 12 16  16  HOH HOH A . 
D 4 HOH 13 17  17  HOH HOH A . 
D 4 HOH 14 18  18  HOH HOH A . 
D 4 HOH 15 19  19  HOH HOH A . 
D 4 HOH 16 20  20  HOH HOH A . 
D 4 HOH 17 21  21  HOH HOH A . 
D 4 HOH 18 22  22  HOH HOH A . 
D 4 HOH 19 23  23  HOH HOH A . 
D 4 HOH 20 24  24  HOH HOH A . 
D 4 HOH 21 26  26  HOH HOH A . 
D 4 HOH 22 27  27  HOH HOH A . 
D 4 HOH 23 28  28  HOH HOH A . 
D 4 HOH 24 31  31  HOH HOH A . 
D 4 HOH 25 32  32  HOH HOH A . 
D 4 HOH 26 33  33  HOH HOH A . 
E 4 HOH 1  11  4   HOH HOH B . 
E 4 HOH 2  12  6   HOH HOH B . 
E 4 HOH 3  13  11  HOH HOH B . 
E 4 HOH 4  14  14  HOH HOH B . 
E 4 HOH 5  15  25  HOH HOH B . 
E 4 HOH 6  16  29  HOH HOH B . 
E 4 HOH 7  17  30  HOH HOH B . 
E 4 HOH 8  18  34  HOH HOH B . 
# 
loop_
_software.name 
_software.version 
_software.date 
_software.type 
_software.contact_author 
_software.contact_author_email 
_software.classification 
_software.location 
_software.language 
_software.citation_id 
_software.pdbx_ordinal 
DENZO       .     ?                package 'Zbyszek Otwinowski' zbyszek@mix.swmed.edu    'data reduction'  
http://www.lnls.br/infra/linhasluz/denzo-hkl.htm ?          ? 1 
SCALEPACK   .     ?                package 'Zbyszek Otwinowski' zbyszek@mix.swmed.edu    'data scaling'    
http://www.lnls.br/infra/linhasluz/denzo-hkl.htm ?          ? 2 
REFMAC      .     ?                program 'Murshudov, G.N.'    ccp4@dl.ac.uk            refinement        
http://www.ccp4.ac.uk/main.html                  Fortran_77 ? 3 
PDB_EXTRACT 2.000 'April. 3, 2006' package PDB                  sw-help@rcsb.rutgers.edu 'data extraction' 
http://pdb.rutgers.edu/software/                 C++        ? 4 
HKL-2000    .     ?                ?       ?                    ?                        'data reduction'  ? ?          ? 5 
HKL-2000    .     ?                ?       ?                    ?                        'data scaling'    ? ?          ? 6 
MOLREP      .     ?                ?       ?                    ?                        phasing           ? ?          ? 7 
# 
_cell.entry_id           2HO2 
_cell.length_a           41.661 
_cell.length_b           41.661 
_cell.length_c           38.633 
_cell.angle_alpha        90.00 
_cell.angle_beta         90.00 
_cell.angle_gamma        120.00 
_cell.Z_PDB              6 
_cell.pdbx_unique_axis   ? 
_cell.length_a_esd       ? 
_cell.length_b_esd       ? 
_cell.length_c_esd       ? 
_cell.angle_alpha_esd    ? 
_cell.angle_beta_esd     ? 
_cell.angle_gamma_esd    ? 
# 
_symmetry.entry_id                         2HO2 
_symmetry.space_group_name_H-M             'P 31 2 1' 
_symmetry.pdbx_full_space_group_name_H-M   ? 
_symmetry.cell_setting                     ? 
_symmetry.Int_Tables_number                152 
_symmetry.space_group_name_Hall            ? 
# 
_exptl.crystals_number   1 
_exptl.entry_id          2HO2 
_exptl.method            'X-RAY DIFFRACTION' 
# 
_exptl_crystal.id                    1 
_exptl_crystal.density_Matthews      1.86 
_exptl_crystal.density_meas          ? 
_exptl_crystal.density_percent_sol   33.74 
_exptl_crystal.description           ? 
_exptl_crystal.F_000                 ? 
_exptl_crystal.preparation           ? 
# 
_exptl_crystal_grow.crystal_id      1 
_exptl_crystal_grow.method          'VAPOR DIFFUSION, SITTING DROP' 
_exptl_crystal_grow.pH              7.4 
_exptl_crystal_grow.temp            293 
_exptl_crystal_grow.temp_details    ? 
_exptl_crystal_grow.pdbx_details    '1.85M Ammonium Sulfate, 0.1M HEPES, pH 7.4, VAPOR DIFFUSION, SITTING DROP, temperature 293K' 
_exptl_crystal_grow.pdbx_pH_range   . 
# 
_diffrn.id                     1 
_diffrn.ambient_temp           95 
_diffrn.ambient_temp_details   ? 
_diffrn.crystal_id             1 
# 
_diffrn_detector.diffrn_id              1 
_diffrn_detector.detector               CCD 
_diffrn_detector.type                   'ADSC QUANTUM 4' 
_diffrn_detector.pdbx_collection_date   2006-06-18 
_diffrn_detector.details                'DUAL SLITS' 
# 
_diffrn_radiation.diffrn_id                        1 
_diffrn_radiation.wavelength_id                    1 
_diffrn_radiation.pdbx_diffrn_protocol             MAD 
_diffrn_radiation.monochromator                    'SAGITALLY FOCUSED SI(111)' 
_diffrn_radiation.pdbx_monochromatic_or_laue_m_l   M 
_diffrn_radiation.pdbx_scattering_type             x-ray 
# 
loop_
_diffrn_radiation_wavelength.id 
_diffrn_radiation_wavelength.wavelength 
_diffrn_radiation_wavelength.wt 
1 0.9792 1.0 
2 0.9793 1.0 
3 0.96   1.0 
# 
_diffrn_source.diffrn_id                   1 
_diffrn_source.source                      SYNCHROTRON 
_diffrn_source.type                        'NSLS BEAMLINE X12B' 
_diffrn_source.pdbx_wavelength             ? 
_diffrn_source.pdbx_wavelength_list        '0.9792, 0.9793, 0.96' 
_diffrn_source.pdbx_synchrotron_site       NSLS 
_diffrn_source.pdbx_synchrotron_beamline   X12B 
# 
_reflns.entry_id                     2HO2 
_reflns.d_resolution_high            1.330 
_reflns.d_resolution_low             50.000 
_reflns.number_obs                   9129 
_reflns.pdbx_Rmerge_I_obs            0.057 
_reflns.pdbx_netI_over_sigmaI        23.500 
_reflns.pdbx_chi_squared             1.075 
_reflns.pdbx_redundancy              6.500 
_reflns.percent_possible_obs         98.600 
_reflns.observed_criterion_sigma_F   0 
_reflns.observed_criterion_sigma_I   0 
_reflns.number_all                   9258 
_reflns.pdbx_Rsym_value              ? 
_reflns.B_iso_Wilson_estimate        ? 
_reflns.R_free_details               ? 
_reflns.limit_h_max                  ? 
_reflns.limit_h_min                  ? 
_reflns.limit_k_max                  ? 
_reflns.limit_k_min                  ? 
_reflns.limit_l_max                  ? 
_reflns.limit_l_min                  ? 
_reflns.observed_criterion_F_max     ? 
_reflns.observed_criterion_F_min     ? 
_reflns.pdbx_scaling_rejects         ? 
_reflns.pdbx_ordinal                 1 
_reflns.pdbx_diffrn_id               1 
# 
loop_
_reflns_shell.d_res_high 
_reflns_shell.d_res_low 
_reflns_shell.number_measured_obs 
_reflns_shell.number_measured_all 
_reflns_shell.number_unique_obs 
_reflns_shell.Rmerge_I_obs 
_reflns_shell.meanI_over_sigI_obs 
_reflns_shell.pdbx_Rsym_value 
_reflns_shell.pdbx_chi_squared 
_reflns_shell.pdbx_redundancy 
_reflns_shell.percent_possible_obs 
_reflns_shell.number_unique_all 
_reflns_shell.percent_possible_all 
_reflns_shell.pdbx_ordinal 
_reflns_shell.pdbx_diffrn_id 
1.33 1.38  ? ? ? 0.438 ? ? 1.161 5.40 ? 815 90.30  1  1 
1.38 1.43  ? ? ? 0.348 ? ? 1.157 6.60 ? 909 98.70  2  1 
1.43 1.50  ? ? ? 0.248 ? ? 1.136 6.60 ? 902 99.10  3  1 
1.50 1.58  ? ? ? 0.156 ? ? 1.090 6.80 ? 903 99.30  4  1 
1.58 1.68  ? ? ? 0.116 ? ? 1.090 6.70 ? 900 99.20  5  1 
1.68 1.81  ? ? ? 0.079 ? ? 0.992 6.70 ? 909 99.70  6  1 
1.81 1.99  ? ? ? 0.058 ? ? 1.049 6.70 ? 924 99.80  7  1 
1.99 2.27  ? ? ? 0.051 ? ? 1.030 6.60 ? 931 100.00 8  1 
2.27 2.87  ? ? ? 0.048 ? ? 0.984 6.60 ? 937 99.90  9  1 
2.87 50.00 ? ? ? 0.051 ? ? 1.094 6.10 ? 999 99.50  10 1 
# 
_refine.entry_id                                 2HO2 
_refine.ls_d_res_high                            1.330 
_refine.ls_d_res_low                             17.030 
_refine.pdbx_ls_sigma_F                          0.00 
_refine.ls_percent_reflns_obs                    99.410 
_refine.ls_number_reflns_obs                     9085 
_refine.pdbx_ls_cross_valid_method               THROUGHOUT 
_refine.pdbx_R_Free_selection_details            RANDOM 
_refine.details                                  'HYDROGENS HAVE BEEN ADDED IN THE RIDING POSITIONS' 
_refine.ls_R_factor_all                          0.174 
_refine.ls_R_factor_R_work                       0.172 
_refine.ls_R_factor_R_free                       0.214 
_refine.ls_percent_reflns_R_free                 4.700 
_refine.ls_number_reflns_R_free                  431 
_refine.B_iso_mean                               16.478 
_refine.aniso_B[1][1]                            -0.080 
_refine.aniso_B[2][2]                            -0.080 
_refine.aniso_B[3][3]                            0.110 
_refine.aniso_B[1][2]                            -0.040 
_refine.aniso_B[1][3]                            0.000 
_refine.aniso_B[2][3]                            0.000 
_refine.correlation_coeff_Fo_to_Fc               0.963 
_refine.correlation_coeff_Fo_to_Fc_free          0.952 
_refine.pdbx_overall_ESU_R                       0.064 
_refine.pdbx_overall_ESU_R_Free                  0.062 
_refine.overall_SU_ML                            0.032 
_refine.overall_SU_B                             1.702 
_refine.solvent_model_details                    'BABINET MODEL WITH MASK' 
_refine.pdbx_solvent_vdw_probe_radii             1.400 
_refine.pdbx_solvent_ion_probe_radii             0.800 
_refine.pdbx_solvent_shrinkage_radii             0.800 
_refine.pdbx_stereochemistry_target_values       'MAXIMUM LIKELIHOOD' 
_refine.pdbx_ls_sigma_I                          ? 
_refine.ls_number_reflns_all                     9129 
_refine.ls_R_factor_obs                          0.174 
_refine.ls_redundancy_reflns_obs                 ? 
_refine.pdbx_data_cutoff_high_absF               ? 
_refine.pdbx_data_cutoff_low_absF                ? 
_refine.ls_number_parameters                     ? 
_refine.ls_number_restraints                     ? 
_refine.ls_R_factor_R_free_error                 ? 
_refine.ls_R_factor_R_free_error_details         ? 
_refine.pdbx_method_to_determine_struct          MAD 
_refine.pdbx_starting_model                      ? 
_refine.pdbx_stereochem_target_val_spec_case     ? 
_refine.solvent_model_param_bsol                 ? 
_refine.solvent_model_param_ksol                 ? 
_refine.occupancy_max                            ? 
_refine.occupancy_min                            ? 
_refine.pdbx_isotropic_thermal_model             ? 
_refine.B_iso_min                                ? 
_refine.B_iso_max                                ? 
_refine.overall_SU_R_Cruickshank_DPI             ? 
_refine.overall_SU_R_free                        ? 
_refine.pdbx_data_cutoff_high_rms_absF           ? 
_refine.ls_wR_factor_R_free                      ? 
_refine.ls_wR_factor_R_work                      ? 
_refine.overall_FOM_free_R_set                   ? 
_refine.overall_FOM_work_R_set                   ? 
_refine.pdbx_refine_id                           'X-RAY DIFFRACTION' 
_refine.pdbx_diffrn_id                           1 
_refine.pdbx_TLS_residual_ADP_flag               ? 
_refine.pdbx_overall_phase_error                 ? 
_refine.pdbx_overall_SU_R_free_Cruickshank_DPI   ? 
_refine.pdbx_overall_SU_R_Blow_DPI               ? 
_refine.pdbx_overall_SU_R_free_Blow_DPI          ? 
# 
_refine_hist.pdbx_refine_id                   'X-RAY DIFFRACTION' 
_refine_hist.cycle_id                         LAST 
_refine_hist.pdbx_number_atoms_protein        339 
_refine_hist.pdbx_number_atoms_nucleic_acid   0 
_refine_hist.pdbx_number_atoms_ligand         6 
_refine_hist.number_atoms_solvent             34 
_refine_hist.number_atoms_total               379 
_refine_hist.d_res_high                       1.330 
_refine_hist.d_res_low                        17.030 
# 
loop_
_refine_ls_restr.type 
_refine_ls_restr.number 
_refine_ls_restr.dev_ideal 
_refine_ls_restr.dev_ideal_target 
_refine_ls_restr.weight 
_refine_ls_restr.pdbx_refine_id 
_refine_ls_restr.pdbx_restraint_function 
r_bond_refined_d         377 0.021  0.022  ? 'X-RAY DIFFRACTION' ? 
r_bond_other_d           272 0.002  0.020  ? 'X-RAY DIFFRACTION' ? 
r_angle_refined_deg      527 1.958  2.000  ? 'X-RAY DIFFRACTION' ? 
r_angle_other_deg        667 1.093  3.000  ? 'X-RAY DIFFRACTION' ? 
r_dihedral_angle_1_deg   45  5.754  5.000  ? 'X-RAY DIFFRACTION' ? 
r_dihedral_angle_2_deg   13  24.450 22.308 ? 'X-RAY DIFFRACTION' ? 
r_dihedral_angle_3_deg   42  13.228 15.000 ? 'X-RAY DIFFRACTION' ? 
r_dihedral_angle_4_deg   2   14.444 15.000 ? 'X-RAY DIFFRACTION' ? 
r_chiral_restr           51  0.113  0.200  ? 'X-RAY DIFFRACTION' ? 
r_gen_planes_refined     399 0.012  0.020  ? 'X-RAY DIFFRACTION' ? 
r_gen_planes_other       64  0.001  0.020  ? 'X-RAY DIFFRACTION' ? 
r_nbd_refined            64  0.240  0.200  ? 'X-RAY DIFFRACTION' ? 
r_nbd_other              230 0.202  0.200  ? 'X-RAY DIFFRACTION' ? 
r_nbtor_refined          168 0.201  0.200  ? 'X-RAY DIFFRACTION' ? 
r_nbtor_other            178 0.096  0.200  ? 'X-RAY DIFFRACTION' ? 
r_xyhbond_nbd_refined    27  0.235  0.200  ? 'X-RAY DIFFRACTION' ? 
r_symmetry_vdw_refined   5   0.198  0.200  ? 'X-RAY DIFFRACTION' ? 
r_symmetry_vdw_other     33  0.252  0.200  ? 'X-RAY DIFFRACTION' ? 
r_symmetry_hbond_refined 7   0.155  0.200  ? 'X-RAY DIFFRACTION' ? 
r_mcbond_it              280 2.570  1.500  ? 'X-RAY DIFFRACTION' ? 
r_mcbond_other           80  1.074  1.500  ? 'X-RAY DIFFRACTION' ? 
r_mcangle_it             385 3.083  2.000  ? 'X-RAY DIFFRACTION' ? 
r_scbond_it              185 3.514  3.000  ? 'X-RAY DIFFRACTION' ? 
r_scangle_it             140 3.877  4.500  ? 'X-RAY DIFFRACTION' ? 
r_rigid_bond_restr       839 1.784  3.000  ? 'X-RAY DIFFRACTION' ? 
r_sphericity_free        34  11.263 3.000  ? 'X-RAY DIFFRACTION' ? 
r_sphericity_bonded      628 6.036  3.000  ? 'X-RAY DIFFRACTION' ? 
# 
_refine_ls_shell.d_res_high                       1.33 
_refine_ls_shell.d_res_low                        1.369 
_refine_ls_shell.pdbx_total_number_of_bins_used   20 
_refine_ls_shell.percent_reflns_obs               98.130 
_refine_ls_shell.number_reflns_R_work             588 
_refine_ls_shell.R_factor_all                     ? 
_refine_ls_shell.R_factor_R_work                  0.213 
_refine_ls_shell.R_factor_R_free                  0.284 
_refine_ls_shell.percent_reflns_R_free            ? 
_refine_ls_shell.number_reflns_R_free             42 
_refine_ls_shell.R_factor_R_free_error            ? 
_refine_ls_shell.number_reflns_all                ? 
_refine_ls_shell.number_reflns_obs                630 
_refine_ls_shell.redundancy_reflns_obs            ? 
_refine_ls_shell.pdbx_refine_id                   'X-RAY DIFFRACTION' 
# 
_struct.entry_id                  2HO2 
_struct.title                     'Structure of human FE65-WW domain in complex with hMena peptide.' 
_struct.pdbx_model_details        ? 
_struct.pdbx_CASP_flag            ? 
_struct.pdbx_model_type_details   ? 
# 
_struct_keywords.entry_id        2HO2 
_struct_keywords.pdbx_keywords   'PROTEIN BINDING' 
_struct_keywords.text            'WW DOMAIN, BETA SHEET, FE65, PROTEIN BINDING' 
# 
loop_
_struct_asym.id 
_struct_asym.pdbx_blank_PDB_chainid_flag 
_struct_asym.pdbx_modified 
_struct_asym.entity_id 
_struct_asym.details 
A N N 1 ? 
B N N 2 ? 
C N N 3 ? 
D N N 4 ? 
E N N 4 ? 
# 
loop_
_struct_ref.id 
_struct_ref.db_name 
_struct_ref.db_code 
_struct_ref.pdbx_db_accession 
_struct_ref.entity_id 
_struct_ref.pdbx_seq_one_letter_code 
_struct_ref.pdbx_align_begin 
_struct_ref.pdbx_db_isoform 
1 UNP APBB1_HUMAN O00213 1 SDLPAGWMRVQDTSGTYYWHIPTGTTQWEPPGRASPS 253 ? 
2 UNP ENAH_HUMAN  Q8N8S7 2 PPPPPPPPPL                            347 ? 
# 
loop_
_struct_ref_seq.align_id 
_struct_ref_seq.ref_id 
_struct_ref_seq.pdbx_PDB_id_code 
_struct_ref_seq.pdbx_strand_id 
_struct_ref_seq.seq_align_beg 
_struct_ref_seq.pdbx_seq_align_beg_ins_code 
_struct_ref_seq.seq_align_end 
_struct_ref_seq.pdbx_seq_align_end_ins_code 
_struct_ref_seq.pdbx_db_accession 
_struct_ref_seq.db_align_beg 
_struct_ref_seq.pdbx_db_align_beg_ins_code 
_struct_ref_seq.db_align_end 
_struct_ref_seq.pdbx_db_align_end_ins_code 
_struct_ref_seq.pdbx_auth_seq_align_beg 
_struct_ref_seq.pdbx_auth_seq_align_end 
1 1 2HO2 A 2 ? 38 ? O00213 253 ? 289 ? 253 289 
2 2 2HO2 B 1 ? 10 ? Q8N8S7 347 ? 356 ? 1   10  
# 
_struct_ref_seq_dif.align_id                     1 
_struct_ref_seq_dif.pdbx_pdb_id_code             2HO2 
_struct_ref_seq_dif.mon_id                       GLY 
_struct_ref_seq_dif.pdbx_pdb_strand_id           A 
_struct_ref_seq_dif.seq_num                      1 
_struct_ref_seq_dif.pdbx_pdb_ins_code            ? 
_struct_ref_seq_dif.pdbx_seq_db_name             UNP 
_struct_ref_seq_dif.pdbx_seq_db_accession_code   O00213 
_struct_ref_seq_dif.db_mon_id                    ? 
_struct_ref_seq_dif.pdbx_seq_db_seq_num          ? 
_struct_ref_seq_dif.details                      'expression tag' 
_struct_ref_seq_dif.pdbx_auth_seq_num            252 
_struct_ref_seq_dif.pdbx_ordinal                 1 
# 
_pdbx_struct_assembly.id                   1 
_pdbx_struct_assembly.details              author_defined_assembly 
_pdbx_struct_assembly.method_details       ? 
_pdbx_struct_assembly.oligomeric_details   dimeric 
_pdbx_struct_assembly.oligomeric_count     2 
# 
_pdbx_struct_assembly_gen.assembly_id       1 
_pdbx_struct_assembly_gen.oper_expression   1 
_pdbx_struct_assembly_gen.asym_id_list      A,B,C,D,E 
# 
_pdbx_struct_oper_list.id                   1 
_pdbx_struct_oper_list.type                 'identity operation' 
_pdbx_struct_oper_list.name                 1_555 
_pdbx_struct_oper_list.symmetry_operation   x,y,z 
_pdbx_struct_oper_list.matrix[1][1]         1.0000000000 
_pdbx_struct_oper_list.matrix[1][2]         0.0000000000 
_pdbx_struct_oper_list.matrix[1][3]         0.0000000000 
_pdbx_struct_oper_list.vector[1]            0.0000000000 
_pdbx_struct_oper_list.matrix[2][1]         0.0000000000 
_pdbx_struct_oper_list.matrix[2][2]         1.0000000000 
_pdbx_struct_oper_list.matrix[2][3]         0.0000000000 
_pdbx_struct_oper_list.vector[2]            0.0000000000 
_pdbx_struct_oper_list.matrix[3][1]         0.0000000000 
_pdbx_struct_oper_list.matrix[3][2]         0.0000000000 
_pdbx_struct_oper_list.matrix[3][3]         1.0000000000 
_pdbx_struct_oper_list.vector[3]            0.0000000000 
# 
_struct_biol.id   1 
# 
_struct_sheet.id               A 
_struct_sheet.type             ? 
_struct_sheet.number_strands   3 
_struct_sheet.details          ? 
# 
loop_
_struct_sheet_order.sheet_id 
_struct_sheet_order.range_id_1 
_struct_sheet_order.range_id_2 
_struct_sheet_order.offset 
_struct_sheet_order.sense 
A 1 2 ? anti-parallel 
A 2 3 ? anti-parallel 
# 
loop_
_struct_sheet_range.sheet_id 
_struct_sheet_range.id 
_struct_sheet_range.beg_label_comp_id 
_struct_sheet_range.beg_label_asym_id 
_struct_sheet_range.beg_label_seq_id 
_struct_sheet_range.pdbx_beg_PDB_ins_code 
_struct_sheet_range.end_label_comp_id 
_struct_sheet_range.end_label_asym_id 
_struct_sheet_range.end_label_seq_id 
_struct_sheet_range.pdbx_end_PDB_ins_code 
_struct_sheet_range.beg_auth_comp_id 
_struct_sheet_range.beg_auth_asym_id 
_struct_sheet_range.beg_auth_seq_id 
_struct_sheet_range.end_auth_comp_id 
_struct_sheet_range.end_auth_asym_id 
_struct_sheet_range.end_auth_seq_id 
A 1 TRP A 8  ? GLN A 12 ? TRP A 259 GLN A 263 
A 2 THR A 17 ? HIS A 21 ? THR A 268 HIS A 272 
A 3 THR A 27 ? GLN A 28 ? THR A 278 GLN A 279 
# 
loop_
_pdbx_struct_sheet_hbond.sheet_id 
_pdbx_struct_sheet_hbond.range_id_1 
_pdbx_struct_sheet_hbond.range_id_2 
_pdbx_struct_sheet_hbond.range_1_label_atom_id 
_pdbx_struct_sheet_hbond.range_1_label_comp_id 
_pdbx_struct_sheet_hbond.range_1_label_asym_id 
_pdbx_struct_sheet_hbond.range_1_label_seq_id 
_pdbx_struct_sheet_hbond.range_1_PDB_ins_code 
_pdbx_struct_sheet_hbond.range_1_auth_atom_id 
_pdbx_struct_sheet_hbond.range_1_auth_comp_id 
_pdbx_struct_sheet_hbond.range_1_auth_asym_id 
_pdbx_struct_sheet_hbond.range_1_auth_seq_id 
_pdbx_struct_sheet_hbond.range_2_label_atom_id 
_pdbx_struct_sheet_hbond.range_2_label_comp_id 
_pdbx_struct_sheet_hbond.range_2_label_asym_id 
_pdbx_struct_sheet_hbond.range_2_label_seq_id 
_pdbx_struct_sheet_hbond.range_2_PDB_ins_code 
_pdbx_struct_sheet_hbond.range_2_auth_atom_id 
_pdbx_struct_sheet_hbond.range_2_auth_comp_id 
_pdbx_struct_sheet_hbond.range_2_auth_asym_id 
_pdbx_struct_sheet_hbond.range_2_auth_seq_id 
A 1 2 N VAL A 11 ? N VAL A 262 O TYR A 18 ? O TYR A 269 
A 2 3 N TYR A 19 ? N TYR A 270 O GLN A 28 ? O GLN A 279 
# 
_struct_site.id                   AC1 
_struct_site.pdbx_evidence_code   Software 
_struct_site.pdbx_auth_asym_id    A 
_struct_site.pdbx_auth_comp_id    GOL 
_struct_site.pdbx_auth_seq_id     101 
_struct_site.pdbx_auth_ins_code   ? 
_struct_site.pdbx_num_residues    5 
_struct_site.details              'BINDING SITE FOR RESIDUE GOL A 101' 
# 
loop_
_struct_site_gen.id 
_struct_site_gen.site_id 
_struct_site_gen.pdbx_num_res 
_struct_site_gen.label_comp_id 
_struct_site_gen.label_asym_id 
_struct_site_gen.label_seq_id 
_struct_site_gen.pdbx_auth_ins_code 
_struct_site_gen.auth_comp_id 
_struct_site_gen.auth_asym_id 
_struct_site_gen.auth_seq_id 
_struct_site_gen.label_atom_id 
_struct_site_gen.label_alt_id 
_struct_site_gen.symmetry 
_struct_site_gen.details 
1 AC1 5 HOH D .  ? HOH A 18  . ? 1_555 ? 
2 AC1 5 HOH D .  ? HOH A 33  . ? 1_555 ? 
3 AC1 5 GLY A 16 ? GLY A 267 . ? 6_555 ? 
4 AC1 5 THR A 17 ? THR A 268 . ? 6_555 ? 
5 AC1 5 THR A 17 ? THR A 268 . ? 1_555 ? 
# 
_pdbx_validate_close_contact.id               1 
_pdbx_validate_close_contact.PDB_model_num    1 
_pdbx_validate_close_contact.auth_atom_id_1   O2 
_pdbx_validate_close_contact.auth_asym_id_1   A 
_pdbx_validate_close_contact.auth_comp_id_1   GOL 
_pdbx_validate_close_contact.auth_seq_id_1    101 
_pdbx_validate_close_contact.PDB_ins_code_1   ? 
_pdbx_validate_close_contact.label_alt_id_1   ? 
_pdbx_validate_close_contact.auth_atom_id_2   O 
_pdbx_validate_close_contact.auth_asym_id_2   A 
_pdbx_validate_close_contact.auth_comp_id_2   HOH 
_pdbx_validate_close_contact.auth_seq_id_2    33 
_pdbx_validate_close_contact.PDB_ins_code_2   ? 
_pdbx_validate_close_contact.label_alt_id_2   ? 
_pdbx_validate_close_contact.dist             1.93 
# 
_pdbx_validate_rmsd_angle.id                         1 
_pdbx_validate_rmsd_angle.PDB_model_num              1 
_pdbx_validate_rmsd_angle.auth_atom_id_1             NE 
_pdbx_validate_rmsd_angle.auth_asym_id_1             A 
_pdbx_validate_rmsd_angle.auth_comp_id_1             ARG 
_pdbx_validate_rmsd_angle.auth_seq_id_1              261 
_pdbx_validate_rmsd_angle.PDB_ins_code_1             ? 
_pdbx_validate_rmsd_angle.label_alt_id_1             ? 
_pdbx_validate_rmsd_angle.auth_atom_id_2             CZ 
_pdbx_validate_rmsd_angle.auth_asym_id_2             A 
_pdbx_validate_rmsd_angle.auth_comp_id_2             ARG 
_pdbx_validate_rmsd_angle.auth_seq_id_2              261 
_pdbx_validate_rmsd_angle.PDB_ins_code_2             ? 
_pdbx_validate_rmsd_angle.label_alt_id_2             ? 
_pdbx_validate_rmsd_angle.auth_atom_id_3             NH1 
_pdbx_validate_rmsd_angle.auth_asym_id_3             A 
_pdbx_validate_rmsd_angle.auth_comp_id_3             ARG 
_pdbx_validate_rmsd_angle.auth_seq_id_3              261 
_pdbx_validate_rmsd_angle.PDB_ins_code_3             ? 
_pdbx_validate_rmsd_angle.label_alt_id_3             ? 
_pdbx_validate_rmsd_angle.angle_value                123.78 
_pdbx_validate_rmsd_angle.angle_target_value         120.30 
_pdbx_validate_rmsd_angle.angle_deviation            3.48 
_pdbx_validate_rmsd_angle.angle_standard_deviation   0.50 
_pdbx_validate_rmsd_angle.linker_flag                N 
# 
_pdbx_struct_special_symmetry.id              1 
_pdbx_struct_special_symmetry.PDB_model_num   1 
_pdbx_struct_special_symmetry.auth_asym_id    A 
_pdbx_struct_special_symmetry.auth_comp_id    MET 
_pdbx_struct_special_symmetry.auth_seq_id     260 
_pdbx_struct_special_symmetry.PDB_ins_code    ? 
_pdbx_struct_special_symmetry.label_asym_id   A 
_pdbx_struct_special_symmetry.label_comp_id   MET 
_pdbx_struct_special_symmetry.label_seq_id    9 
# 
loop_
_pdbx_unobs_or_zero_occ_residues.id 
_pdbx_unobs_or_zero_occ_residues.PDB_model_num 
_pdbx_unobs_or_zero_occ_residues.polymer_flag 
_pdbx_unobs_or_zero_occ_residues.occupancy_flag 
_pdbx_unobs_or_zero_occ_residues.auth_asym_id 
_pdbx_unobs_or_zero_occ_residues.auth_comp_id 
_pdbx_unobs_or_zero_occ_residues.auth_seq_id 
_pdbx_unobs_or_zero_occ_residues.PDB_ins_code 
_pdbx_unobs_or_zero_occ_residues.label_asym_id 
_pdbx_unobs_or_zero_occ_residues.label_comp_id 
_pdbx_unobs_or_zero_occ_residues.label_seq_id 
1 1 Y 1 A GLY 252 ? A GLY 1  
2 1 Y 1 A ALA 286 ? A ALA 35 
3 1 Y 1 A SER 287 ? A SER 36 
4 1 Y 1 A PRO 288 ? A PRO 37 
5 1 Y 1 A SER 289 ? A SER 38 
# 
loop_
_chem_comp_atom.comp_id 
_chem_comp_atom.atom_id 
_chem_comp_atom.type_symbol 
_chem_comp_atom.pdbx_aromatic_flag 
_chem_comp_atom.pdbx_stereo_config 
_chem_comp_atom.pdbx_ordinal 
ALA N    N N N 1   
ALA CA   C N S 2   
ALA C    C N N 3   
ALA O    O N N 4   
ALA CB   C N N 5   
ALA OXT  O N N 6   
ALA H    H N N 7   
ALA H2   H N N 8   
ALA HA   H N N 9   
ALA HB1  H N N 10  
ALA HB2  H N N 11  
ALA HB3  H N N 12  
ALA HXT  H N N 13  
ARG N    N N N 14  
ARG CA   C N S 15  
ARG C    C N N 16  
ARG O    O N N 17  
ARG CB   C N N 18  
ARG CG   C N N 19  
ARG CD   C N N 20  
ARG NE   N N N 21  
ARG CZ   C N N 22  
ARG NH1  N N N 23  
ARG NH2  N N N 24  
ARG OXT  O N N 25  
ARG H    H N N 26  
ARG H2   H N N 27  
ARG HA   H N N 28  
ARG HB2  H N N 29  
ARG HB3  H N N 30  
ARG HG2  H N N 31  
ARG HG3  H N N 32  
ARG HD2  H N N 33  
ARG HD3  H N N 34  
ARG HE   H N N 35  
ARG HH11 H N N 36  
ARG HH12 H N N 37  
ARG HH21 H N N 38  
ARG HH22 H N N 39  
ARG HXT  H N N 40  
ASP N    N N N 41  
ASP CA   C N S 42  
ASP C    C N N 43  
ASP O    O N N 44  
ASP CB   C N N 45  
ASP CG   C N N 46  
ASP OD1  O N N 47  
ASP OD2  O N N 48  
ASP OXT  O N N 49  
ASP H    H N N 50  
ASP H2   H N N 51  
ASP HA   H N N 52  
ASP HB2  H N N 53  
ASP HB3  H N N 54  
ASP HD2  H N N 55  
ASP HXT  H N N 56  
GLN N    N N N 57  
GLN CA   C N S 58  
GLN C    C N N 59  
GLN O    O N N 60  
GLN CB   C N N 61  
GLN CG   C N N 62  
GLN CD   C N N 63  
GLN OE1  O N N 64  
GLN NE2  N N N 65  
GLN OXT  O N N 66  
GLN H    H N N 67  
GLN H2   H N N 68  
GLN HA   H N N 69  
GLN HB2  H N N 70  
GLN HB3  H N N 71  
GLN HG2  H N N 72  
GLN HG3  H N N 73  
GLN HE21 H N N 74  
GLN HE22 H N N 75  
GLN HXT  H N N 76  
GLU N    N N N 77  
GLU CA   C N S 78  
GLU C    C N N 79  
GLU O    O N N 80  
GLU CB   C N N 81  
GLU CG   C N N 82  
GLU CD   C N N 83  
GLU OE1  O N N 84  
GLU OE2  O N N 85  
GLU OXT  O N N 86  
GLU H    H N N 87  
GLU H2   H N N 88  
GLU HA   H N N 89  
GLU HB2  H N N 90  
GLU HB3  H N N 91  
GLU HG2  H N N 92  
GLU HG3  H N N 93  
GLU HE2  H N N 94  
GLU HXT  H N N 95  
GLY N    N N N 96  
GLY CA   C N N 97  
GLY C    C N N 98  
GLY O    O N N 99  
GLY OXT  O N N 100 
GLY H    H N N 101 
GLY H2   H N N 102 
GLY HA2  H N N 103 
GLY HA3  H N N 104 
GLY HXT  H N N 105 
GOL C1   C N N 106 
GOL O1   O N N 107 
GOL C2   C N N 108 
GOL O2   O N N 109 
GOL C3   C N N 110 
GOL O3   O N N 111 
GOL H11  H N N 112 
GOL H12  H N N 113 
GOL HO1  H N N 114 
GOL H2   H N N 115 
GOL HO2  H N N 116 
GOL H31  H N N 117 
GOL H32  H N N 118 
GOL HO3  H N N 119 
HIS N    N N N 120 
HIS CA   C N S 121 
HIS C    C N N 122 
HIS O    O N N 123 
HIS CB   C N N 124 
HIS CG   C Y N 125 
HIS ND1  N Y N 126 
HIS CD2  C Y N 127 
HIS CE1  C Y N 128 
HIS NE2  N Y N 129 
HIS OXT  O N N 130 
HIS H    H N N 131 
HIS H2   H N N 132 
HIS HA   H N N 133 
HIS HB2  H N N 134 
HIS HB3  H N N 135 
HIS HD1  H N N 136 
HIS HD2  H N N 137 
HIS HE1  H N N 138 
HIS HE2  H N N 139 
HIS HXT  H N N 140 
HOH O    O N N 141 
HOH H1   H N N 142 
HOH H2   H N N 143 
ILE N    N N N 144 
ILE CA   C N S 145 
ILE C    C N N 146 
ILE O    O N N 147 
ILE CB   C N S 148 
ILE CG1  C N N 149 
ILE CG2  C N N 150 
ILE CD1  C N N 151 
ILE OXT  O N N 152 
ILE H    H N N 153 
ILE H2   H N N 154 
ILE HA   H N N 155 
ILE HB   H N N 156 
ILE HG12 H N N 157 
ILE HG13 H N N 158 
ILE HG21 H N N 159 
ILE HG22 H N N 160 
ILE HG23 H N N 161 
ILE HD11 H N N 162 
ILE HD12 H N N 163 
ILE HD13 H N N 164 
ILE HXT  H N N 165 
LEU N    N N N 166 
LEU CA   C N S 167 
LEU C    C N N 168 
LEU O    O N N 169 
LEU CB   C N N 170 
LEU CG   C N N 171 
LEU CD1  C N N 172 
LEU CD2  C N N 173 
LEU OXT  O N N 174 
LEU H    H N N 175 
LEU H2   H N N 176 
LEU HA   H N N 177 
LEU HB2  H N N 178 
LEU HB3  H N N 179 
LEU HG   H N N 180 
LEU HD11 H N N 181 
LEU HD12 H N N 182 
LEU HD13 H N N 183 
LEU HD21 H N N 184 
LEU HD22 H N N 185 
LEU HD23 H N N 186 
LEU HXT  H N N 187 
MET N    N N N 188 
MET CA   C N S 189 
MET C    C N N 190 
MET O    O N N 191 
MET CB   C N N 192 
MET CG   C N N 193 
MET SD   S N N 194 
MET CE   C N N 195 
MET OXT  O N N 196 
MET H    H N N 197 
MET H2   H N N 198 
MET HA   H N N 199 
MET HB2  H N N 200 
MET HB3  H N N 201 
MET HG2  H N N 202 
MET HG3  H N N 203 
MET HE1  H N N 204 
MET HE2  H N N 205 
MET HE3  H N N 206 
MET HXT  H N N 207 
PRO N    N N N 208 
PRO CA   C N S 209 
PRO C    C N N 210 
PRO O    O N N 211 
PRO CB   C N N 212 
PRO CG   C N N 213 
PRO CD   C N N 214 
PRO OXT  O N N 215 
PRO H    H N N 216 
PRO HA   H N N 217 
PRO HB2  H N N 218 
PRO HB3  H N N 219 
PRO HG2  H N N 220 
PRO HG3  H N N 221 
PRO HD2  H N N 222 
PRO HD3  H N N 223 
PRO HXT  H N N 224 
SER N    N N N 225 
SER CA   C N S 226 
SER C    C N N 227 
SER O    O N N 228 
SER CB   C N N 229 
SER OG   O N N 230 
SER OXT  O N N 231 
SER H    H N N 232 
SER H2   H N N 233 
SER HA   H N N 234 
SER HB2  H N N 235 
SER HB3  H N N 236 
SER HG   H N N 237 
SER HXT  H N N 238 
THR N    N N N 239 
THR CA   C N S 240 
THR C    C N N 241 
THR O    O N N 242 
THR CB   C N R 243 
THR OG1  O N N 244 
THR CG2  C N N 245 
THR OXT  O N N 246 
THR H    H N N 247 
THR H2   H N N 248 
THR HA   H N N 249 
THR HB   H N N 250 
THR HG1  H N N 251 
THR HG21 H N N 252 
THR HG22 H N N 253 
THR HG23 H N N 254 
THR HXT  H N N 255 
TRP N    N N N 256 
TRP CA   C N S 257 
TRP C    C N N 258 
TRP O    O N N 259 
TRP CB   C N N 260 
TRP CG   C Y N 261 
TRP CD1  C Y N 262 
TRP CD2  C Y N 263 
TRP NE1  N Y N 264 
TRP CE2  C Y N 265 
TRP CE3  C Y N 266 
TRP CZ2  C Y N 267 
TRP CZ3  C Y N 268 
TRP CH2  C Y N 269 
TRP OXT  O N N 270 
TRP H    H N N 271 
TRP H2   H N N 272 
TRP HA   H N N 273 
TRP HB2  H N N 274 
TRP HB3  H N N 275 
TRP HD1  H N N 276 
TRP HE1  H N N 277 
TRP HE3  H N N 278 
TRP HZ2  H N N 279 
TRP HZ3  H N N 280 
TRP HH2  H N N 281 
TRP HXT  H N N 282 
TYR N    N N N 283 
TYR CA   C N S 284 
TYR C    C N N 285 
TYR O    O N N 286 
TYR CB   C N N 287 
TYR CG   C Y N 288 
TYR CD1  C Y N 289 
TYR CD2  C Y N 290 
TYR CE1  C Y N 291 
TYR CE2  C Y N 292 
TYR CZ   C Y N 293 
TYR OH   O N N 294 
TYR OXT  O N N 295 
TYR H    H N N 296 
TYR H2   H N N 297 
TYR HA   H N N 298 
TYR HB2  H N N 299 
TYR HB3  H N N 300 
TYR HD1  H N N 301 
TYR HD2  H N N 302 
TYR HE1  H N N 303 
TYR HE2  H N N 304 
TYR HH   H N N 305 
TYR HXT  H N N 306 
VAL N    N N N 307 
VAL CA   C N S 308 
VAL C    C N N 309 
VAL O    O N N 310 
VAL CB   C N N 311 
VAL CG1  C N N 312 
VAL CG2  C N N 313 
VAL OXT  O N N 314 
VAL H    H N N 315 
VAL H2   H N N 316 
VAL HA   H N N 317 
VAL HB   H N N 318 
VAL HG11 H N N 319 
VAL HG12 H N N 320 
VAL HG13 H N N 321 
VAL HG21 H N N 322 
VAL HG22 H N N 323 
VAL HG23 H N N 324 
VAL HXT  H N N 325 
# 
loop_
_chem_comp_bond.comp_id 
_chem_comp_bond.atom_id_1 
_chem_comp_bond.atom_id_2 
_chem_comp_bond.value_order 
_chem_comp_bond.pdbx_aromatic_flag 
_chem_comp_bond.pdbx_stereo_config 
_chem_comp_bond.pdbx_ordinal 
ALA N   CA   sing N N 1   
ALA N   H    sing N N 2   
ALA N   H2   sing N N 3   
ALA CA  C    sing N N 4   
ALA CA  CB   sing N N 5   
ALA CA  HA   sing N N 6   
ALA C   O    doub N N 7   
ALA C   OXT  sing N N 8   
ALA CB  HB1  sing N N 9   
ALA CB  HB2  sing N N 10  
ALA CB  HB3  sing N N 11  
ALA OXT HXT  sing N N 12  
ARG N   CA   sing N N 13  
ARG N   H    sing N N 14  
ARG N   H2   sing N N 15  
ARG CA  C    sing N N 16  
ARG CA  CB   sing N N 17  
ARG CA  HA   sing N N 18  
ARG C   O    doub N N 19  
ARG C   OXT  sing N N 20  
ARG CB  CG   sing N N 21  
ARG CB  HB2  sing N N 22  
ARG CB  HB3  sing N N 23  
ARG CG  CD   sing N N 24  
ARG CG  HG2  sing N N 25  
ARG CG  HG3  sing N N 26  
ARG CD  NE   sing N N 27  
ARG CD  HD2  sing N N 28  
ARG CD  HD3  sing N N 29  
ARG NE  CZ   sing N N 30  
ARG NE  HE   sing N N 31  
ARG CZ  NH1  sing N N 32  
ARG CZ  NH2  doub N N 33  
ARG NH1 HH11 sing N N 34  
ARG NH1 HH12 sing N N 35  
ARG NH2 HH21 sing N N 36  
ARG NH2 HH22 sing N N 37  
ARG OXT HXT  sing N N 38  
ASP N   CA   sing N N 39  
ASP N   H    sing N N 40  
ASP N   H2   sing N N 41  
ASP CA  C    sing N N 42  
ASP CA  CB   sing N N 43  
ASP CA  HA   sing N N 44  
ASP C   O    doub N N 45  
ASP C   OXT  sing N N 46  
ASP CB  CG   sing N N 47  
ASP CB  HB2  sing N N 48  
ASP CB  HB3  sing N N 49  
ASP CG  OD1  doub N N 50  
ASP CG  OD2  sing N N 51  
ASP OD2 HD2  sing N N 52  
ASP OXT HXT  sing N N 53  
GLN N   CA   sing N N 54  
GLN N   H    sing N N 55  
GLN N   H2   sing N N 56  
GLN CA  C    sing N N 57  
GLN CA  CB   sing N N 58  
GLN CA  HA   sing N N 59  
GLN C   O    doub N N 60  
GLN C   OXT  sing N N 61  
GLN CB  CG   sing N N 62  
GLN CB  HB2  sing N N 63  
GLN CB  HB3  sing N N 64  
GLN CG  CD   sing N N 65  
GLN CG  HG2  sing N N 66  
GLN CG  HG3  sing N N 67  
GLN CD  OE1  doub N N 68  
GLN CD  NE2  sing N N 69  
GLN NE2 HE21 sing N N 70  
GLN NE2 HE22 sing N N 71  
GLN OXT HXT  sing N N 72  
GLU N   CA   sing N N 73  
GLU N   H    sing N N 74  
GLU N   H2   sing N N 75  
GLU CA  C    sing N N 76  
GLU CA  CB   sing N N 77  
GLU CA  HA   sing N N 78  
GLU C   O    doub N N 79  
GLU C   OXT  sing N N 80  
GLU CB  CG   sing N N 81  
GLU CB  HB2  sing N N 82  
GLU CB  HB3  sing N N 83  
GLU CG  CD   sing N N 84  
GLU CG  HG2  sing N N 85  
GLU CG  HG3  sing N N 86  
GLU CD  OE1  doub N N 87  
GLU CD  OE2  sing N N 88  
GLU OE2 HE2  sing N N 89  
GLU OXT HXT  sing N N 90  
GLY N   CA   sing N N 91  
GLY N   H    sing N N 92  
GLY N   H2   sing N N 93  
GLY CA  C    sing N N 94  
GLY CA  HA2  sing N N 95  
GLY CA  HA3  sing N N 96  
GLY C   O    doub N N 97  
GLY C   OXT  sing N N 98  
GLY OXT HXT  sing N N 99  
GOL C1  O1   sing N N 100 
GOL C1  C2   sing N N 101 
GOL C1  H11  sing N N 102 
GOL C1  H12  sing N N 103 
GOL O1  HO1  sing N N 104 
GOL C2  O2   sing N N 105 
GOL C2  C3   sing N N 106 
GOL C2  H2   sing N N 107 
GOL O2  HO2  sing N N 108 
GOL C3  O3   sing N N 109 
GOL C3  H31  sing N N 110 
GOL C3  H32  sing N N 111 
GOL O3  HO3  sing N N 112 
HIS N   CA   sing N N 113 
HIS N   H    sing N N 114 
HIS N   H2   sing N N 115 
HIS CA  C    sing N N 116 
HIS CA  CB   sing N N 117 
HIS CA  HA   sing N N 118 
HIS C   O    doub N N 119 
HIS C   OXT  sing N N 120 
HIS CB  CG   sing N N 121 
HIS CB  HB2  sing N N 122 
HIS CB  HB3  sing N N 123 
HIS CG  ND1  sing Y N 124 
HIS CG  CD2  doub Y N 125 
HIS ND1 CE1  doub Y N 126 
HIS ND1 HD1  sing N N 127 
HIS CD2 NE2  sing Y N 128 
HIS CD2 HD2  sing N N 129 
HIS CE1 NE2  sing Y N 130 
HIS CE1 HE1  sing N N 131 
HIS NE2 HE2  sing N N 132 
HIS OXT HXT  sing N N 133 
HOH O   H1   sing N N 134 
HOH O   H2   sing N N 135 
ILE N   CA   sing N N 136 
ILE N   H    sing N N 137 
ILE N   H2   sing N N 138 
ILE CA  C    sing N N 139 
ILE CA  CB   sing N N 140 
ILE CA  HA   sing N N 141 
ILE C   O    doub N N 142 
ILE C   OXT  sing N N 143 
ILE CB  CG1  sing N N 144 
ILE CB  CG2  sing N N 145 
ILE CB  HB   sing N N 146 
ILE CG1 CD1  sing N N 147 
ILE CG1 HG12 sing N N 148 
ILE CG1 HG13 sing N N 149 
ILE CG2 HG21 sing N N 150 
ILE CG2 HG22 sing N N 151 
ILE CG2 HG23 sing N N 152 
ILE CD1 HD11 sing N N 153 
ILE CD1 HD12 sing N N 154 
ILE CD1 HD13 sing N N 155 
ILE OXT HXT  sing N N 156 
LEU N   CA   sing N N 157 
LEU N   H    sing N N 158 
LEU N   H2   sing N N 159 
LEU CA  C    sing N N 160 
LEU CA  CB   sing N N 161 
LEU CA  HA   sing N N 162 
LEU C   O    doub N N 163 
LEU C   OXT  sing N N 164 
LEU CB  CG   sing N N 165 
LEU CB  HB2  sing N N 166 
LEU CB  HB3  sing N N 167 
LEU CG  CD1  sing N N 168 
LEU CG  CD2  sing N N 169 
LEU CG  HG   sing N N 170 
LEU CD1 HD11 sing N N 171 
LEU CD1 HD12 sing N N 172 
LEU CD1 HD13 sing N N 173 
LEU CD2 HD21 sing N N 174 
LEU CD2 HD22 sing N N 175 
LEU CD2 HD23 sing N N 176 
LEU OXT HXT  sing N N 177 
MET N   CA   sing N N 178 
MET N   H    sing N N 179 
MET N   H2   sing N N 180 
MET CA  C    sing N N 181 
MET CA  CB   sing N N 182 
MET CA  HA   sing N N 183 
MET C   O    doub N N 184 
MET C   OXT  sing N N 185 
MET CB  CG   sing N N 186 
MET CB  HB2  sing N N 187 
MET CB  HB3  sing N N 188 
MET CG  SD   sing N N 189 
MET CG  HG2  sing N N 190 
MET CG  HG3  sing N N 191 
MET SD  CE   sing N N 192 
MET CE  HE1  sing N N 193 
MET CE  HE2  sing N N 194 
MET CE  HE3  sing N N 195 
MET OXT HXT  sing N N 196 
PRO N   CA   sing N N 197 
PRO N   CD   sing N N 198 
PRO N   H    sing N N 199 
PRO CA  C    sing N N 200 
PRO CA  CB   sing N N 201 
PRO CA  HA   sing N N 202 
PRO C   O    doub N N 203 
PRO C   OXT  sing N N 204 
PRO CB  CG   sing N N 205 
PRO CB  HB2  sing N N 206 
PRO CB  HB3  sing N N 207 
PRO CG  CD   sing N N 208 
PRO CG  HG2  sing N N 209 
PRO CG  HG3  sing N N 210 
PRO CD  HD2  sing N N 211 
PRO CD  HD3  sing N N 212 
PRO OXT HXT  sing N N 213 
SER N   CA   sing N N 214 
SER N   H    sing N N 215 
SER N   H2   sing N N 216 
SER CA  C    sing N N 217 
SER CA  CB   sing N N 218 
SER CA  HA   sing N N 219 
SER C   O    doub N N 220 
SER C   OXT  sing N N 221 
SER CB  OG   sing N N 222 
SER CB  HB2  sing N N 223 
SER CB  HB3  sing N N 224 
SER OG  HG   sing N N 225 
SER OXT HXT  sing N N 226 
THR N   CA   sing N N 227 
THR N   H    sing N N 228 
THR N   H2   sing N N 229 
THR CA  C    sing N N 230 
THR CA  CB   sing N N 231 
THR CA  HA   sing N N 232 
THR C   O    doub N N 233 
THR C   OXT  sing N N 234 
THR CB  OG1  sing N N 235 
THR CB  CG2  sing N N 236 
THR CB  HB   sing N N 237 
THR OG1 HG1  sing N N 238 
THR CG2 HG21 sing N N 239 
THR CG2 HG22 sing N N 240 
THR CG2 HG23 sing N N 241 
THR OXT HXT  sing N N 242 
TRP N   CA   sing N N 243 
TRP N   H    sing N N 244 
TRP N   H2   sing N N 245 
TRP CA  C    sing N N 246 
TRP CA  CB   sing N N 247 
TRP CA  HA   sing N N 248 
TRP C   O    doub N N 249 
TRP C   OXT  sing N N 250 
TRP CB  CG   sing N N 251 
TRP CB  HB2  sing N N 252 
TRP CB  HB3  sing N N 253 
TRP CG  CD1  doub Y N 254 
TRP CG  CD2  sing Y N 255 
TRP CD1 NE1  sing Y N 256 
TRP CD1 HD1  sing N N 257 
TRP CD2 CE2  doub Y N 258 
TRP CD2 CE3  sing Y N 259 
TRP NE1 CE2  sing Y N 260 
TRP NE1 HE1  sing N N 261 
TRP CE2 CZ2  sing Y N 262 
TRP CE3 CZ3  doub Y N 263 
TRP CE3 HE3  sing N N 264 
TRP CZ2 CH2  doub Y N 265 
TRP CZ2 HZ2  sing N N 266 
TRP CZ3 CH2  sing Y N 267 
TRP CZ3 HZ3  sing N N 268 
TRP CH2 HH2  sing N N 269 
TRP OXT HXT  sing N N 270 
TYR N   CA   sing N N 271 
TYR N   H    sing N N 272 
TYR N   H2   sing N N 273 
TYR CA  C    sing N N 274 
TYR CA  CB   sing N N 275 
TYR CA  HA   sing N N 276 
TYR C   O    doub N N 277 
TYR C   OXT  sing N N 278 
TYR CB  CG   sing N N 279 
TYR CB  HB2  sing N N 280 
TYR CB  HB3  sing N N 281 
TYR CG  CD1  doub Y N 282 
TYR CG  CD2  sing Y N 283 
TYR CD1 CE1  sing Y N 284 
TYR CD1 HD1  sing N N 285 
TYR CD2 CE2  doub Y N 286 
TYR CD2 HD2  sing N N 287 
TYR CE1 CZ   doub Y N 288 
TYR CE1 HE1  sing N N 289 
TYR CE2 CZ   sing Y N 290 
TYR CE2 HE2  sing N N 291 
TYR CZ  OH   sing N N 292 
TYR OH  HH   sing N N 293 
TYR OXT HXT  sing N N 294 
VAL N   CA   sing N N 295 
VAL N   H    sing N N 296 
VAL N   H2   sing N N 297 
VAL CA  C    sing N N 298 
VAL CA  CB   sing N N 299 
VAL CA  HA   sing N N 300 
VAL C   O    doub N N 301 
VAL C   OXT  sing N N 302 
VAL CB  CG1  sing N N 303 
VAL CB  CG2  sing N N 304 
VAL CB  HB   sing N N 305 
VAL CG1 HG11 sing N N 306 
VAL CG1 HG12 sing N N 307 
VAL CG1 HG13 sing N N 308 
VAL CG2 HG21 sing N N 309 
VAL CG2 HG22 sing N N 310 
VAL CG2 HG23 sing N N 311 
VAL OXT HXT  sing N N 312 
# 
_atom_sites.entry_id                    2HO2 
_atom_sites.fract_transf_matrix[1][1]   0.01916481 
_atom_sites.fract_transf_matrix[1][2]   -0.01900739 
_atom_sites.fract_transf_matrix[1][3]   0.00629425 
_atom_sites.fract_transf_matrix[2][1]   0.01956123 
_atom_sites.fract_transf_matrix[2][2]   0.00573431 
_atom_sites.fract_transf_matrix[2][3]   0.01878053 
_atom_sites.fract_transf_matrix[3][1]   -0.01529317 
_atom_sites.fract_transf_matrix[3][2]   -0.00921344 
_atom_sites.fract_transf_matrix[3][3]   0.01874206 
_atom_sites.fract_transf_vector[1]      0.239725 
_atom_sites.fract_transf_vector[2]      0.424976 
_atom_sites.fract_transf_vector[3]      0.019980 
# 
loop_
_atom_type.symbol 
C 
N 
O 
S 
# 
loop_
_atom_site.group_PDB 
_atom_site.id 
_atom_site.type_symbol 
_atom_site.label_atom_id 
_atom_site.label_alt_id 
_atom_site.label_comp_id 
_atom_site.label_asym_id 
_atom_site.label_entity_id 
_atom_site.label_seq_id 
_atom_site.pdbx_PDB_ins_code 
_atom_site.Cartn_x 
_atom_site.Cartn_y 
_atom_site.Cartn_z 
_atom_site.occupancy 
_atom_site.B_iso_or_equiv 
_atom_site.pdbx_formal_charge 
_atom_site.auth_seq_id 
_atom_site.auth_comp_id 
_atom_site.auth_asym_id 
_atom_site.auth_atom_id 
_atom_site.pdbx_PDB_model_num 
ATOM   1   N N   . SER A 1 2  ? -0.342  0.203   -12.148 0.50 30.37 ? 253 SER A N   1 
ATOM   2   C CA  . SER A 1 2  ? 0.460   1.308   -12.716 0.50 29.13 ? 253 SER A CA  1 
ATOM   3   C C   . SER A 1 2  ? -0.344  2.597   -12.706 0.50 28.72 ? 253 SER A C   1 
ATOM   4   O O   . SER A 1 2  ? 0.093   3.610   -13.241 0.50 29.20 ? 253 SER A O   1 
ATOM   5   C CB  . SER A 1 2  ? 0.885   0.987   -14.151 0.50 29.66 ? 253 SER A CB  1 
ATOM   6   O OG  . SER A 1 2  ? -0.222  0.997   -15.051 0.50 30.15 ? 253 SER A OG  1 
ATOM   7   N N   . ASP A 1 3  ? -1.521  2.545   -12.090 0.50 27.81 ? 254 ASP A N   1 
ATOM   8   C CA  . ASP A 1 3  ? -2.430  3.688   -12.006 0.50 26.90 ? 254 ASP A CA  1 
ATOM   9   C C   . ASP A 1 3  ? -2.147  4.573   -10.770 0.50 25.45 ? 254 ASP A C   1 
ATOM   10  O O   . ASP A 1 3  ? -2.881  5.511   -10.464 0.50 26.13 ? 254 ASP A O   1 
ATOM   11  C CB  . ASP A 1 3  ? -3.884  3.213   -12.005 0.50 27.82 ? 254 ASP A CB  1 
ATOM   12  C CG  . ASP A 1 3  ? -4.175  2.148   -10.954 0.50 29.62 ? 254 ASP A CG  1 
ATOM   13  O OD1 . ASP A 1 3  ? -3.415  2.006   -9.966  0.50 30.48 ? 254 ASP A OD1 1 
ATOM   14  O OD2 . ASP A 1 3  ? -5.180  1.424   -11.133 0.50 32.86 ? 254 ASP A OD2 1 
ATOM   15  N N   . LEU A 1 4  ? -1.071  4.245   -10.075 1.00 24.41 ? 255 LEU A N   1 
ATOM   16  C CA  . LEU A 1 4  ? -0.611  4.955   -8.905  1.00 22.51 ? 255 LEU A CA  1 
ATOM   17  C C   . LEU A 1 4  ? 0.763   5.528   -9.130  1.00 21.23 ? 255 LEU A C   1 
ATOM   18  O O   . LEU A 1 4  ? 1.477   5.097   -10.047 1.00 21.39 ? 255 LEU A O   1 
ATOM   19  C CB  . LEU A 1 4  ? -0.572  3.977   -7.725  1.00 19.98 ? 255 LEU A CB  1 
ATOM   20  C CG  . LEU A 1 4  ? -1.876  3.348   -7.240  1.00 20.31 ? 255 LEU A CG  1 
ATOM   21  C CD1 . LEU A 1 4  ? -1.613  2.390   -6.132  1.00 20.29 ? 255 LEU A CD1 1 
ATOM   22  C CD2 . LEU A 1 4  ? -2.872  4.417   -6.801  1.00 22.41 ? 255 LEU A CD2 1 
ATOM   23  N N   . PRO A 1 5  ? 1.186   6.499   -8.295  1.00 20.75 ? 256 PRO A N   1 
ATOM   24  C CA  . PRO A 1 5  ? 2.478   7.025   -8.466  1.00 20.52 ? 256 PRO A CA  1 
ATOM   25  C C   . PRO A 1 5  ? 3.504   5.954   -8.264  1.00 19.90 ? 256 PRO A C   1 
ATOM   26  O O   . PRO A 1 5  ? 3.271   4.931   -7.585  1.00 19.16 ? 256 PRO A O   1 
ATOM   27  C CB  . PRO A 1 5  ? 2.547   8.124   -7.394  1.00 21.55 ? 256 PRO A CB  1 
ATOM   28  C CG  . PRO A 1 5  ? 1.209   8.497   -7.170  1.00 21.94 ? 256 PRO A CG  1 
ATOM   29  C CD  . PRO A 1 5  ? 0.520   7.181   -7.187  1.00 20.51 ? 256 PRO A CD  1 
ATOM   30  N N   . ALA A 1 6  ? 4.678   6.169   -8.805  1.00 20.11 ? 257 ALA A N   1 
ATOM   31  C CA  . ALA A 1 6  ? 5.758   5.254   -8.704  1.00 20.47 ? 257 ALA A CA  1 
ATOM   32  C C   . ALA A 1 6  ? 5.990   4.860   -7.251  1.00 19.17 ? 257 ALA A C   1 
ATOM   33  O O   . ALA A 1 6  ? 5.994   5.683   -6.321  1.00 21.91 ? 257 ALA A O   1 
ATOM   34  C CB  . ALA A 1 6  ? 7.039   5.918   -9.300  1.00 22.15 ? 257 ALA A CB  1 
ATOM   35  N N   . GLY A 1 7  ? 6.183   3.573   -7.055  1.00 18.60 ? 258 GLY A N   1 
ATOM   36  C CA  . GLY A 1 7  ? 6.475   3.027   -5.737  1.00 17.80 ? 258 GLY A CA  1 
ATOM   37  C C   . GLY A 1 7  ? 5.290   2.526   -4.941  1.00 16.92 ? 258 GLY A C   1 
ATOM   38  O O   . GLY A 1 7  ? 5.516   1.873   -3.973  1.00 17.86 ? 258 GLY A O   1 
ATOM   39  N N   . TRP A 1 8  ? 4.072   2.867   -5.348  1.00 16.20 ? 259 TRP A N   1 
ATOM   40  C CA  . TRP A 1 8  ? 2.879   2.516   -4.574  1.00 15.62 ? 259 TRP A CA  1 
ATOM   41  C C   . TRP A 1 8  ? 2.192   1.306   -5.151  1.00 16.05 ? 259 TRP A C   1 
ATOM   42  O O   . TRP A 1 8  ? 2.058   1.136   -6.368  1.00 18.59 ? 259 TRP A O   1 
ATOM   43  C CB  . TRP A 1 8  ? 1.923   3.703   -4.571  1.00 14.34 ? 259 TRP A CB  1 
ATOM   44  C CG  . TRP A 1 8  ? 2.333   4.832   -3.748  1.00 14.18 ? 259 TRP A CG  1 
ATOM   45  C CD1 . TRP A 1 8  ? 2.957   5.991   -4.159  1.00 15.12 ? 259 TRP A CD1 1 
ATOM   46  C CD2 . TRP A 1 8  ? 2.086   5.009   -2.368  1.00 12.86 ? 259 TRP A CD2 1 
ATOM   47  N NE1 . TRP A 1 8  ? 3.121   6.850   -3.122  1.00 15.05 ? 259 TRP A NE1 1 
ATOM   48  C CE2 . TRP A 1 8  ? 2.565   6.284   -2.006  1.00 13.37 ? 259 TRP A CE2 1 
ATOM   49  C CE3 . TRP A 1 8  ? 1.467   4.224   -1.381  1.00 13.06 ? 259 TRP A CE3 1 
ATOM   50  C CZ2 . TRP A 1 8  ? 2.476   6.761   -0.732  1.00 13.56 ? 259 TRP A CZ2 1 
ATOM   51  C CZ3 . TRP A 1 8  ? 1.391   4.718   -0.076  1.00 13.01 ? 259 TRP A CZ3 1 
ATOM   52  C CH2 . TRP A 1 8  ? 1.878   5.981   0.218   1.00 14.31 ? 259 TRP A CH2 1 
ATOM   53  N N   . MET A 1 9  ? 1.657   0.500   -4.240  1.00 16.04 ? 260 MET A N   1 
ATOM   54  C CA  A MET A 1 9  ? 0.762   -0.590  -4.602  0.50 17.50 ? 260 MET A CA  1 
ATOM   55  C CA  B MET A 1 9  ? 0.879   -0.705  -4.469  0.50 16.46 ? 260 MET A CA  1 
ATOM   56  C C   . MET A 1 9  ? -0.449  -0.612  -3.702  1.00 15.13 ? 260 MET A C   1 
ATOM   57  O O   . MET A 1 9  ? -0.459  -0.239  -2.544  1.00 14.54 ? 260 MET A O   1 
ATOM   58  C CB  A MET A 1 9  ? 1.433   -1.964  -4.539  0.50 18.77 ? 260 MET A CB  1 
ATOM   59  C CB  B MET A 1 9  ? 1.667   -1.905  -3.901  0.50 16.36 ? 260 MET A CB  1 
ATOM   60  C CG  A MET A 1 9  ? 2.754   -2.047  -5.235  0.50 20.59 ? 260 MET A CG  1 
ATOM   61  C CG  B MET A 1 9  ? 0.880   -3.217  -3.985  0.50 17.18 ? 260 MET A CG  1 
ATOM   62  S SD  A MET A 1 9  ? 3.348   -3.686  -5.705  0.50 22.94 ? 260 MET A SD  1 
ATOM   63  S SD  B MET A 1 9  ? 1.707   -4.751  -3.437  0.50 17.55 ? 260 MET A SD  1 
ATOM   64  C CE  A MET A 1 9  ? 4.550   -3.196  -6.942  0.50 21.20 ? 260 MET A CE  1 
ATOM   65  C CE  B MET A 1 9  ? 0.340   -5.897  -3.442  0.50 17.03 ? 260 MET A CE  1 
ATOM   66  N N   . ARG A 1 10 ? -1.515  -1.053  -4.294  1.00 16.45 ? 261 ARG A N   1 
ATOM   67  C CA  . ARG A 1 10 ? -2.773  -1.273  -3.623  1.00 16.00 ? 261 ARG A CA  1 
ATOM   68  C C   . ARG A 1 10 ? -2.804  -2.657  -2.962  1.00 15.24 ? 261 ARG A C   1 
ATOM   69  O O   . ARG A 1 10 ? -2.482  -3.662  -3.574  1.00 17.69 ? 261 ARG A O   1 
ATOM   70  C CB  . ARG A 1 10 ? -3.893  -1.168  -4.700  1.00 19.35 ? 261 ARG A CB  1 
ATOM   71  C CG  . ARG A 1 10 ? -5.160  -0.806  -4.288  1.00 22.01 ? 261 ARG A CG  1 
ATOM   72  C CD  . ARG A 1 10 ? -6.069  -0.664  -5.581  1.00 22.29 ? 261 ARG A CD  1 
ATOM   73  N NE  . ARG A 1 10 ? -6.134  0.681   -6.181  1.00 25.00 ? 261 ARG A NE  1 
ATOM   74  C CZ  . ARG A 1 10 ? -5.547  1.079   -7.306  1.00 25.20 ? 261 ARG A CZ  1 
ATOM   75  N NH1 . ARG A 1 10 ? -4.751  0.300   -8.045  1.00 26.72 ? 261 ARG A NH1 1 
ATOM   76  N NH2 . ARG A 1 10 ? -5.722  2.329   -7.681  1.00 28.38 ? 261 ARG A NH2 1 
ATOM   77  N N   . VAL A 1 11 ? -3.182  -2.691  -1.697  1.00 15.45 ? 262 VAL A N   1 
ATOM   78  C CA  . VAL A 1 11 ? -3.290  -3.917  -0.895  1.00 16.03 ? 262 VAL A CA  1 
ATOM   79  C C   . VAL A 1 11 ? -4.736  -4.090  -0.484  1.00 16.81 ? 262 VAL A C   1 
ATOM   80  O O   . VAL A 1 11 ? -5.338  -3.178  0.031   1.00 14.86 ? 262 VAL A O   1 
ATOM   81  C CB  . VAL A 1 11 ? -2.363  -3.849  0.343   1.00 15.37 ? 262 VAL A CB  1 
ATOM   82  C CG1 . VAL A 1 11 ? -2.436  -5.142  1.112   1.00 17.53 ? 262 VAL A CG1 1 
ATOM   83  C CG2 . VAL A 1 11 ? -0.916  -3.527  -0.119  1.00 16.86 ? 262 VAL A CG2 1 
ATOM   84  N N   . GLN A 1 12 ? -5.324  -5.262  -0.690  1.00 21.23 ? 263 GLN A N   1 
ATOM   85  C CA  . GLN A 1 12 ? -6.694  -5.520  -0.142  1.00 23.66 ? 263 GLN A CA  1 
ATOM   86  C C   . GLN A 1 12 ? -6.734  -6.218  1.242   1.00 25.36 ? 263 GLN A C   1 
ATOM   87  O O   . GLN A 1 12 ? -5.974  -7.146  1.527   1.00 30.38 ? 263 GLN A O   1 
ATOM   88  C CB  . GLN A 1 12 ? -7.571  -6.261  -1.123  1.00 25.37 ? 263 GLN A CB  1 
ATOM   89  C CG  . GLN A 1 12 ? -7.508  -5.625  -2.539  1.00 22.57 ? 263 GLN A CG  1 
ATOM   90  C CD  . GLN A 1 12 ? -8.741  -5.951  -3.441  0.20 22.03 ? 263 GLN A CD  1 
ATOM   91  O OE1 . GLN A 1 12 ? -9.756  -6.512  -2.990  0.20 17.38 ? 263 GLN A OE1 1 
ATOM   92  N NE2 . GLN A 1 12 ? -8.645  -5.584  -4.717  0.20 22.35 ? 263 GLN A NE2 1 
ATOM   93  N N   . ASP A 1 13 ? -7.489  -5.725  2.217   1.00 27.94 ? 264 ASP A N   1 
ATOM   94  C CA  . ASP A 1 13 ? -7.643  -6.569  3.404   1.00 28.81 ? 264 ASP A CA  1 
ATOM   95  C C   . ASP A 1 13 ? -9.125  -6.674  3.641   1.00 28.15 ? 264 ASP A C   1 
ATOM   96  O O   . ASP A 1 13 ? -9.866  -6.241  2.776   1.00 27.32 ? 264 ASP A O   1 
ATOM   97  C CB  . ASP A 1 13 ? -6.829  -6.099  4.596   1.00 30.30 ? 264 ASP A CB  1 
ATOM   98  C CG  . ASP A 1 13 ? -7.421  -4.924  5.303   1.00 32.06 ? 264 ASP A CG  1 
ATOM   99  O OD1 . ASP A 1 13 ? -8.441  -4.369  4.853   1.00 40.17 ? 264 ASP A OD1 1 
ATOM   100 O OD2 . ASP A 1 13 ? -6.859  -4.603  6.366   1.00 34.93 ? 264 ASP A OD2 1 
ATOM   101 N N   . THR A 1 14 ? -9.544  -7.237  4.776   0.60 28.49 ? 265 THR A N   1 
ATOM   102 C CA  . THR A 1 14 ? -10.947 -7.543  4.973   0.60 28.94 ? 265 THR A CA  1 
ATOM   103 C C   . THR A 1 14 ? -11.809 -6.289  5.019   0.60 28.92 ? 265 THR A C   1 
ATOM   104 O O   . THR A 1 14 ? -12.954 -6.296  4.546   0.60 27.64 ? 265 THR A O   1 
ATOM   105 C CB  . THR A 1 14 ? -11.158 -8.468  6.212   0.60 29.55 ? 265 THR A CB  1 
ATOM   106 O OG1 . THR A 1 14 ? -10.646 -7.842  7.392   0.60 31.91 ? 265 THR A OG1 1 
ATOM   107 C CG2 . THR A 1 14 ? -10.436 -9.775  6.004   0.60 30.13 ? 265 THR A CG2 1 
ATOM   108 N N   . SER A 1 15 ? -11.231 -5.181  5.484   1.00 29.06 ? 266 SER A N   1 
ATOM   109 C CA  . SER A 1 15 ? -12.010 -3.950  5.684   1.00 29.73 ? 266 SER A CA  1 
ATOM   110 C C   . SER A 1 15 ? -11.980 -3.024  4.484   1.00 29.09 ? 266 SER A C   1 
ATOM   111 O O   . SER A 1 15 ? -12.853 -2.141  4.322   1.00 30.49 ? 266 SER A O   1 
ATOM   112 C CB  . SER A 1 15 ? -11.526 -3.218  6.937   1.00 30.86 ? 266 SER A CB  1 
ATOM   113 O OG  . SER A 1 15 ? -11.676 -4.053  8.079   0.40 29.83 ? 266 SER A OG  1 
ATOM   114 N N   . GLY A 1 16 ? -10.999 -3.240  3.623   1.00 28.14 ? 267 GLY A N   1 
ATOM   115 C CA  . GLY A 1 16 ? -10.931 -2.511  2.410   1.00 26.32 ? 267 GLY A CA  1 
ATOM   116 C C   . GLY A 1 16 ? -9.527  -2.491  1.873   1.00 24.06 ? 267 GLY A C   1 
ATOM   117 O O   . GLY A 1 16 ? -8.662  -3.277  2.216   1.00 23.17 ? 267 GLY A O   1 
ATOM   118 N N   . THR A 1 17 ? -9.369  -1.564  0.987   1.00 21.82 ? 268 THR A N   1 
ATOM   119 C CA  . THR A 1 17 ? -8.125  -1.428  0.252   1.00 18.55 ? 268 THR A CA  1 
ATOM   120 C C   . THR A 1 17 ? -7.294  -0.338  0.843   1.00 15.61 ? 268 THR A C   1 
ATOM   121 O O   . THR A 1 17 ? -7.823  0.757   1.113   1.00 18.22 ? 268 THR A O   1 
ATOM   122 C CB  . THR A 1 17 ? -8.522  -1.081  -1.149  1.00 20.58 ? 268 THR A CB  1 
ATOM   123 O OG1 . THR A 1 17 ? -9.300  -2.197  -1.665  1.00 24.31 ? 268 THR A OG1 1 
ATOM   124 C CG2 . THR A 1 17 ? -7.338  -0.714  -1.992  1.00 21.06 ? 268 THR A CG2 1 
ATOM   125 N N   . TYR A 1 18 ? -6.000  -0.589  1.057   1.00 13.45 ? 269 TYR A N   1 
ATOM   126 C CA  . TYR A 1 18 ? -5.081  0.438   1.463   1.00 12.19 ? 269 TYR A CA  1 
ATOM   127 C C   . TYR A 1 18 ? -3.903  0.451   0.512   1.00 11.88 ? 269 TYR A C   1 
ATOM   128 O O   . TYR A 1 18 ? -3.854  -0.284  -0.458  1.00 12.69 ? 269 TYR A O   1 
ATOM   129 C CB  . TYR A 1 18 ? -4.649  0.258   2.918   1.00 12.46 ? 269 TYR A CB  1 
ATOM   130 C CG  . TYR A 1 18 ? -3.848  -0.987  3.243   1.00 12.09 ? 269 TYR A CG  1 
ATOM   131 C CD1 . TYR A 1 18 ? -4.463  -2.195  3.464   1.00 12.22 ? 269 TYR A CD1 1 
ATOM   132 C CD2 . TYR A 1 18 ? -2.472  -0.926  3.326   1.00 11.38 ? 269 TYR A CD2 1 
ATOM   133 C CE1 . TYR A 1 18 ? -3.745  -3.305  3.841   1.00 12.05 ? 269 TYR A CE1 1 
ATOM   134 C CE2 . TYR A 1 18 ? -1.749  -1.998  3.728   1.00 11.46 ? 269 TYR A CE2 1 
ATOM   135 C CZ  . TYR A 1 18 ? -2.383  -3.192  3.987   1.00 12.56 ? 269 TYR A CZ  1 
ATOM   136 O OH  . TYR A 1 18 ? -1.680  -4.330  4.385   1.00 14.54 ? 269 TYR A OH  1 
ATOM   137 N N   . TYR A 1 19 ? -2.947  1.316   0.825   1.00 11.30 ? 270 TYR A N   1 
ATOM   138 C CA  . TYR A 1 19 ? -1.827  1.589   -0.074  1.00 11.81 ? 270 TYR A CA  1 
ATOM   139 C C   . TYR A 1 19 ? -0.505  1.427   0.642   1.00 11.33 ? 270 TYR A C   1 
ATOM   140 O O   . TYR A 1 19 ? -0.356  1.846   1.785   1.00 12.28 ? 270 TYR A O   1 
ATOM   141 C CB  . TYR A 1 19 ? -1.968  2.976   -0.668  1.00 12.35 ? 270 TYR A CB  1 
ATOM   142 C CG  . TYR A 1 19 ? -3.282  3.165   -1.360  1.00 14.26 ? 270 TYR A CG  1 
ATOM   143 C CD1 . TYR A 1 19 ? -3.469  2.796   -2.663  1.00 15.32 ? 270 TYR A CD1 1 
ATOM   144 C CD2 . TYR A 1 19 ? -4.397  3.624   -0.663  1.00 13.88 ? 270 TYR A CD2 1 
ATOM   145 C CE1 . TYR A 1 19 ? -4.703  2.891   -3.251  1.00 16.48 ? 270 TYR A CE1 1 
ATOM   146 C CE2 . TYR A 1 19 ? -5.655  3.685   -1.264  1.00 16.04 ? 270 TYR A CE2 1 
ATOM   147 C CZ  . TYR A 1 19 ? -5.797  3.333   -2.555  1.00 17.20 ? 270 TYR A CZ  1 
ATOM   148 O OH  . TYR A 1 19 ? -7.020  3.450   -3.184  1.00 22.44 ? 270 TYR A OH  1 
ATOM   149 N N   . TRP A 1 20 ? 0.444   0.831   -0.058  1.00 12.21 ? 271 TRP A N   1 
ATOM   150 C CA  . TRP A 1 20 ? 1.784   0.535   0.427   1.00 11.85 ? 271 TRP A CA  1 
ATOM   151 C C   . TRP A 1 20 ? 2.828   1.168   -0.468  1.00 12.38 ? 271 TRP A C   1 
ATOM   152 O O   . TRP A 1 20 ? 2.828   0.948   -1.707  1.00 12.35 ? 271 TRP A O   1 
ATOM   153 C CB  . TRP A 1 20 ? 1.953   -0.990  0.438   1.00 12.51 ? 271 TRP A CB  1 
ATOM   154 C CG  . TRP A 1 20 ? 3.321   -1.516  0.733   1.00 13.22 ? 271 TRP A CG  1 
ATOM   155 C CD1 . TRP A 1 20 ? 4.344   -0.953  1.430   1.00 13.98 ? 271 TRP A CD1 1 
ATOM   156 C CD2 . TRP A 1 20 ? 3.801   -2.752  0.236   1.00 14.96 ? 271 TRP A CD2 1 
ATOM   157 N NE1 . TRP A 1 20 ? 5.433   -1.821  1.447   1.00 15.25 ? 271 TRP A NE1 1 
ATOM   158 C CE2 . TRP A 1 20 ? 5.134   -2.901  0.682   1.00 15.42 ? 271 TRP A CE2 1 
ATOM   159 C CE3 . TRP A 1 20 ? 3.259   -3.722  -0.583  1.00 15.17 ? 271 TRP A CE3 1 
ATOM   160 C CZ2 . TRP A 1 20 ? 5.917   -4.014  0.368   1.00 17.80 ? 271 TRP A CZ2 1 
ATOM   161 C CZ3 . TRP A 1 20 ? 4.059   -4.840  -0.891  1.00 17.18 ? 271 TRP A CZ3 1 
ATOM   162 C CH2 . TRP A 1 20 ? 5.345   -4.959  -0.409  1.00 17.86 ? 271 TRP A CH2 1 
ATOM   163 N N   . HIS A 1 21 ? 3.678   1.982   0.139   1.00 11.68 ? 272 HIS A N   1 
ATOM   164 C CA  . HIS A 1 21 ? 4.780   2.632   -0.599  1.00 12.91 ? 272 HIS A CA  1 
ATOM   165 C C   . HIS A 1 21 ? 5.983   1.750   -0.402  1.00 13.92 ? 272 HIS A C   1 
ATOM   166 O O   . HIS A 1 21 ? 6.567   1.695   0.665   1.00 13.94 ? 272 HIS A O   1 
ATOM   167 C CB  . HIS A 1 21 ? 5.021   3.999   -0.053  1.00 12.00 ? 272 HIS A CB  1 
ATOM   168 C CG  . HIS A 1 21 ? 6.049   4.771   -0.811  1.00 12.22 ? 272 HIS A CG  1 
ATOM   169 N ND1 . HIS A 1 21 ? 7.241   5.148   -0.237  1.00 13.69 ? 272 HIS A ND1 1 
ATOM   170 C CD2 . HIS A 1 21 ? 6.017   5.256   -2.067  1.00 12.87 ? 272 HIS A CD2 1 
ATOM   171 C CE1 . HIS A 1 21 ? 7.904   5.852   -1.130  1.00 13.67 ? 272 HIS A CE1 1 
ATOM   172 N NE2 . HIS A 1 21 ? 7.197   5.907   -2.260  1.00 14.71 ? 272 HIS A NE2 1 
ATOM   173 N N   . ILE A 1 22 ? 6.360   1.052   -1.452  1.00 14.20 ? 273 ILE A N   1 
ATOM   174 C CA  A ILE A 1 22 ? 7.440   0.060   -1.356  0.50 15.38 ? 273 ILE A CA  1 
ATOM   175 C CA  B ILE A 1 22 ? 7.425   0.051   -1.335  0.50 15.53 ? 273 ILE A CA  1 
ATOM   176 C C   . ILE A 1 22 ? 8.774   0.630   -0.878  1.00 16.25 ? 273 ILE A C   1 
ATOM   177 O O   . ILE A 1 22 ? 9.423   0.042   -0.056  1.00 17.07 ? 273 ILE A O   1 
ATOM   178 C CB  A ILE A 1 22 ? 7.643   -0.669  -2.697  0.50 16.23 ? 273 ILE A CB  1 
ATOM   179 C CB  B ILE A 1 22 ? 7.545   -0.763  -2.635  0.50 16.44 ? 273 ILE A CB  1 
ATOM   180 C CG1 A ILE A 1 22 ? 6.736   -1.906  -2.732  0.50 18.58 ? 273 ILE A CG1 1 
ATOM   181 C CG1 B ILE A 1 22 ? 6.220   -1.481  -2.875  0.50 17.50 ? 273 ILE A CG1 1 
ATOM   182 C CG2 A ILE A 1 22 ? 9.118   -1.060  -2.906  0.50 15.20 ? 273 ILE A CG2 1 
ATOM   183 C CG2 B ILE A 1 22 ? 8.635   -1.820  -2.554  0.50 16.73 ? 273 ILE A CG2 1 
ATOM   184 C CD1 A ILE A 1 22 ? 5.231   -1.578  -2.727  0.50 17.99 ? 273 ILE A CD1 1 
ATOM   185 C CD1 B ILE A 1 22 ? 6.039   -1.920  -4.275  0.50 16.80 ? 273 ILE A CD1 1 
ATOM   186 N N   . PRO A 1 23 ? 9.199   1.798   -1.384  1.00 14.89 ? 274 PRO A N   1 
ATOM   187 C CA  . PRO A 1 23 ? 10.532  2.251   -0.944  1.00 15.84 ? 274 PRO A CA  1 
ATOM   188 C C   . PRO A 1 23 ? 10.683  2.560   0.517   1.00 16.97 ? 274 PRO A C   1 
ATOM   189 O O   . PRO A 1 23 ? 11.764  2.483   1.089   1.00 16.87 ? 274 PRO A O   1 
ATOM   190 C CB  . PRO A 1 23 ? 10.721  3.544   -1.790  1.00 15.40 ? 274 PRO A CB  1 
ATOM   191 C CG  . PRO A 1 23 ? 9.944   3.289   -3.029  1.00 16.15 ? 274 PRO A CG  1 
ATOM   192 C CD  . PRO A 1 23 ? 8.675   2.609   -2.488  1.00 15.19 ? 274 PRO A CD  1 
ATOM   193 N N   . THR A 1 24 ? 9.605   2.963   1.149   1.00 14.25 ? 275 THR A N   1 
ATOM   194 C CA  . THR A 1 24 ? 9.659   3.336   2.575   1.00 14.97 ? 275 THR A CA  1 
ATOM   195 C C   . THR A 1 24 ? 9.021   2.342   3.510   1.00 15.51 ? 275 THR A C   1 
ATOM   196 O O   . THR A 1 24 ? 9.295   2.383   4.720   1.00 16.92 ? 275 THR A O   1 
ATOM   197 C CB  . THR A 1 24 ? 9.049   4.724   2.784   1.00 14.16 ? 275 THR A CB  1 
ATOM   198 O OG1 . THR A 1 24 ? 7.651   4.685   2.427   1.00 13.05 ? 275 THR A OG1 1 
ATOM   199 C CG2 . THR A 1 24 ? 9.774   5.847   2.038   1.00 15.03 ? 275 THR A CG2 1 
ATOM   200 N N   . GLY A 1 25 ? 8.080   1.523   3.020   1.00 14.26 ? 276 GLY A N   1 
ATOM   201 C CA  . GLY A 1 25 ? 7.274   0.687   3.934   1.00 14.96 ? 276 GLY A CA  1 
ATOM   202 C C   . GLY A 1 25 ? 6.079   1.433   4.511   1.00 14.26 ? 276 GLY A C   1 
ATOM   203 O O   . GLY A 1 25 ? 5.367   0.843   5.350   1.00 16.29 ? 276 GLY A O   1 
ATOM   204 N N   . THR A 1 26 ? 5.830   2.654   4.062   1.00 13.20 ? 277 THR A N   1 
ATOM   205 C CA  . THR A 1 26 ? 4.651   3.395   4.507   1.00 12.62 ? 277 THR A CA  1 
ATOM   206 C C   . THR A 1 26 ? 3.376   2.696   4.080   1.00 12.17 ? 277 THR A C   1 
ATOM   207 O O   . THR A 1 26 ? 3.286   2.250   2.934   1.00 12.62 ? 277 THR A O   1 
ATOM   208 C CB  . THR A 1 26 ? 4.688   4.845   3.950   1.00 12.21 ? 277 THR A CB  1 
ATOM   209 O OG1 . THR A 1 26 ? 5.863   5.525   4.406   1.00 14.36 ? 277 THR A OG1 1 
ATOM   210 C CG2 . THR A 1 26 ? 3.493   5.639   4.408   1.00 13.11 ? 277 THR A CG2 1 
ATOM   211 N N   . THR A 1 27 ? 2.372   2.671   4.943   1.00 12.25 ? 278 THR A N   1 
ATOM   212 C CA  . THR A 1 27 ? 1.065   2.242   4.555   1.00 11.37 ? 278 THR A CA  1 
ATOM   213 C C   . THR A 1 27 ? 0.086   3.335   4.949   1.00 11.79 ? 278 THR A C   1 
ATOM   214 O O   . THR A 1 27 ? 0.262   4.008   5.963   1.00 13.01 ? 278 THR A O   1 
ATOM   215 C CB  . THR A 1 27 ? 0.693   0.847   5.118   1.00 11.33 ? 278 THR A CB  1 
ATOM   216 O OG1 . THR A 1 27 ? 0.810   0.923   6.517   1.00 12.54 ? 278 THR A OG1 1 
ATOM   217 C CG2 . THR A 1 27 ? 1.594   -0.249  4.516   1.00 12.10 ? 278 THR A CG2 1 
ATOM   218 N N   . GLN A 1 28 ? -0.971  3.461   4.169   1.00 12.44 ? 279 GLN A N   1 
ATOM   219 C CA  . GLN A 1 28 ? -1.991  4.484   4.444   1.00 12.20 ? 279 GLN A CA  1 
ATOM   220 C C   . GLN A 1 28 ? -3.287  4.107   3.783   1.00 12.76 ? 279 GLN A C   1 
ATOM   221 O O   . GLN A 1 28 ? -3.336  3.425   2.749   1.00 12.42 ? 279 GLN A O   1 
ATOM   222 C CB  . GLN A 1 28 ? -1.515  5.845   3.937   1.00 14.07 ? 279 GLN A CB  1 
ATOM   223 C CG  . GLN A 1 28 ? -1.337  5.978   2.442   1.00 13.10 ? 279 GLN A CG  1 
ATOM   224 C CD  . GLN A 1 28 ? -0.720  7.315   2.090   1.00 13.74 ? 279 GLN A CD  1 
ATOM   225 O OE1 . GLN A 1 28 ? 0.280   7.716   2.668   1.00 15.91 ? 279 GLN A OE1 1 
ATOM   226 N NE2 . GLN A 1 28 ? -1.286  7.973   1.094   1.00 15.17 ? 279 GLN A NE2 1 
ATOM   227 N N   . TRP A 1 29 ? -4.360  4.626   4.346   1.00 12.98 ? 280 TRP A N   1 
ATOM   228 C CA  . TRP A 1 29 ? -5.693  4.463   3.786   1.00 13.02 ? 280 TRP A CA  1 
ATOM   229 C C   . TRP A 1 29 ? -6.013  5.430   2.659   1.00 13.40 ? 280 TRP A C   1 
ATOM   230 O O   . TRP A 1 29 ? -6.791  5.137   1.796   1.00 14.23 ? 280 TRP A O   1 
ATOM   231 C CB  . TRP A 1 29 ? -6.771  4.545   4.877   1.00 13.95 ? 280 TRP A CB  1 
ATOM   232 C CG  . TRP A 1 29 ? -6.699  3.376   5.816   1.00 14.37 ? 280 TRP A CG  1 
ATOM   233 C CD1 . TRP A 1 29 ? -6.130  3.370   7.055   1.00 15.41 ? 280 TRP A CD1 1 
ATOM   234 C CD2 . TRP A 1 29 ? -7.179  2.056   5.578   1.00 15.49 ? 280 TRP A CD2 1 
ATOM   235 N NE1 . TRP A 1 29 ? -6.238  2.101   7.607   1.00 15.99 ? 280 TRP A NE1 1 
ATOM   236 C CE2 . TRP A 1 29 ? -6.845  1.271   6.720   1.00 17.29 ? 280 TRP A CE2 1 
ATOM   237 C CE3 . TRP A 1 29 ? -7.803  1.443   4.510   1.00 15.82 ? 280 TRP A CE3 1 
ATOM   238 C CZ2 . TRP A 1 29 ? -7.236  -0.053  6.852   1.00 17.96 ? 280 TRP A CZ2 1 
ATOM   239 C CZ3 . TRP A 1 29 ? -8.115  0.095   4.618   1.00 17.28 ? 280 TRP A CZ3 1 
ATOM   240 C CH2 . TRP A 1 29 ? -7.797  -0.622  5.771   1.00 17.58 ? 280 TRP A CH2 1 
ATOM   241 N N   . GLU A 1 30 ? -5.432  6.608   2.694   1.00 14.53 ? 281 GLU A N   1 
ATOM   242 C CA  . GLU A 1 30 ? -5.700  7.630   1.685   1.00 15.34 ? 281 GLU A CA  1 
ATOM   243 C C   . GLU A 1 30 ? -5.029  7.265   0.370   1.00 14.44 ? 281 GLU A C   1 
ATOM   244 O O   . GLU A 1 30 ? -3.852  6.922   0.340   1.00 13.90 ? 281 GLU A O   1 
ATOM   245 C CB  . GLU A 1 30 ? -5.096  8.975   2.177   1.00 18.14 ? 281 GLU A CB  1 
ATOM   246 C CG  . GLU A 1 30 ? -5.648  9.495   3.422   0.70 20.29 ? 281 GLU A CG  1 
ATOM   247 C CD  . GLU A 1 30 ? -5.079  8.989   4.729   0.60 20.16 ? 281 GLU A CD  1 
ATOM   248 O OE1 . GLU A 1 30 ? -4.147  8.147   4.718   0.80 18.40 ? 281 GLU A OE1 1 
ATOM   249 O OE2 . GLU A 1 30 ? -5.634  9.444   5.809   0.50 22.18 ? 281 GLU A OE2 1 
ATOM   250 N N   . PRO A 1 31 ? -5.731  7.383   -0.768  1.00 14.90 ? 282 PRO A N   1 
ATOM   251 C CA  . PRO A 1 31 ? -5.089  7.156   -2.043  1.00 16.12 ? 282 PRO A CA  1 
ATOM   252 C C   . PRO A 1 31 ? -3.908  8.117   -2.237  1.00 16.95 ? 282 PRO A C   1 
ATOM   253 O O   . PRO A 1 31 ? -4.017  9.305   -1.936  1.00 18.81 ? 282 PRO A O   1 
ATOM   254 C CB  . PRO A 1 31 ? -6.205  7.397   -3.022  1.00 16.69 ? 282 PRO A CB  1 
ATOM   255 C CG  . PRO A 1 31 ? -7.437  7.106   -2.323  1.00 18.74 ? 282 PRO A CG  1 
ATOM   256 C CD  . PRO A 1 31 ? -7.187  7.555   -0.918  1.00 16.39 ? 282 PRO A CD  1 
ATOM   257 N N   . PRO A 1 32 ? -2.792  7.619   -2.761  1.00 15.37 ? 283 PRO A N   1 
ATOM   258 C CA  . PRO A 1 32 ? -1.612  8.419   -2.867  1.00 16.66 ? 283 PRO A CA  1 
ATOM   259 C C   . PRO A 1 32 ? -1.557  9.341   -4.095  1.00 17.87 ? 283 PRO A C   1 
ATOM   260 O O   . PRO A 1 32 ? -0.598  10.118  -4.249  1.00 21.16 ? 283 PRO A O   1 
ATOM   261 C CB  . PRO A 1 32 ? -0.519  7.370   -2.961  1.00 17.14 ? 283 PRO A CB  1 
ATOM   262 C CG  . PRO A 1 32 ? -1.142  6.265   -3.614  1.00 16.15 ? 283 PRO A CG  1 
ATOM   263 C CD  . PRO A 1 32 ? -2.561  6.218   -3.095  1.00 15.23 ? 283 PRO A CD  1 
ATOM   264 N N   . GLY A 1 33 ? -2.552  9.272   -4.974  1.00 19.32 ? 284 GLY A N   1 
ATOM   265 C CA  . GLY A 1 33 ? -2.677  10.165  -6.130  1.00 20.99 ? 284 GLY A CA  1 
ATOM   266 C C   . GLY A 1 33 ? -2.463  9.327   -7.378  0.50 23.85 ? 284 GLY A C   1 
ATOM   267 O O   . GLY A 1 33 ? -2.470  8.085   -7.347  0.50 24.82 ? 284 GLY A O   1 
ATOM   268 N N   . ARG A 1 34 ? -2.261  10.008  -8.499  0.50 26.54 ? 285 ARG A N   1 
ATOM   269 C CA  . ARG A 1 34 ? -2.152  9.325   -9.798  0.50 27.93 ? 285 ARG A CA  1 
ATOM   270 C C   . ARG A 1 34 ? -0.871  9.620   -10.564 0.50 28.85 ? 285 ARG A C   1 
ATOM   271 O O   . ARG A 1 34 ? -0.111  8.703   -10.894 0.50 28.64 ? 285 ARG A O   1 
ATOM   272 C CB  . ARG A 1 34 ? -3.325  9.723   -10.691 0.50 29.17 ? 285 ARG A CB  1 
ATOM   273 C CG  . ARG A 1 34 ? -4.666  9.416   -10.103 0.50 31.04 ? 285 ARG A CG  1 
ATOM   274 C CD  . ARG A 1 34 ? -5.670  9.124   -11.195 0.50 31.86 ? 285 ARG A CD  1 
ATOM   275 N NE  . ARG A 1 34 ? -6.980  8.858   -10.616 0.50 34.29 ? 285 ARG A NE  1 
ATOM   276 C CZ  . ARG A 1 34 ? -7.340  7.713   -10.036 0.50 36.01 ? 285 ARG A CZ  1 
ATOM   277 N NH1 . ARG A 1 34 ? -6.495  6.683   -9.955  0.50 37.48 ? 285 ARG A NH1 1 
ATOM   278 N NH2 . ARG A 1 34 ? -8.559  7.594   -9.534  0.50 35.62 ? 285 ARG A NH2 1 
ATOM   279 N N   . PRO B 2 1  ? 9.505   -17.662 1.807   1.00 28.81 ? 1   PRO B N   1 
ATOM   280 C CA  . PRO B 2 1  ? 8.985   -16.724 0.842   1.00 27.53 ? 1   PRO B CA  1 
ATOM   281 C C   . PRO B 2 1  ? 9.027   -15.302 1.376   1.00 25.83 ? 1   PRO B C   1 
ATOM   282 O O   . PRO B 2 1  ? 9.188   -15.109 2.564   1.00 25.26 ? 1   PRO B O   1 
ATOM   283 C CB  . PRO B 2 1  ? 7.525   -17.159 0.671   1.00 28.90 ? 1   PRO B CB  1 
ATOM   284 C CG  . PRO B 2 1  ? 7.313   -18.310 1.572   1.00 30.32 ? 1   PRO B CG  1 
ATOM   285 C CD  . PRO B 2 1  ? 8.424   -18.331 2.541   1.00 29.70 ? 1   PRO B CD  1 
ATOM   286 N N   . PRO B 2 2  ? 8.894   -14.302 0.505   1.00 24.54 ? 2   PRO B N   1 
ATOM   287 C CA  . PRO B 2 2  ? 8.886   -12.918 0.969   1.00 24.91 ? 2   PRO B CA  1 
ATOM   288 C C   . PRO B 2 2  ? 7.670   -12.619 1.891   1.00 24.01 ? 2   PRO B C   1 
ATOM   289 O O   . PRO B 2 2  ? 6.610   -13.189 1.717   1.00 22.22 ? 2   PRO B O   1 
ATOM   290 C CB  . PRO B 2 2  ? 8.916   -12.104 -0.335  1.00 25.84 ? 2   PRO B CB  1 
ATOM   291 C CG  . PRO B 2 2  ? 8.887   -13.012 -1.364  1.00 25.69 ? 2   PRO B CG  1 
ATOM   292 C CD  . PRO B 2 2  ? 8.787   -14.405 -0.957  1.00 24.25 ? 2   PRO B CD  1 
ATOM   293 N N   . PRO B 2 3  ? 7.814   -11.720 2.887   1.00 23.79 ? 3   PRO B N   1 
ATOM   294 C CA  . PRO B 2 3  ? 6.709   -11.521 3.847   1.00 24.17 ? 3   PRO B CA  1 
ATOM   295 C C   . PRO B 2 3  ? 5.498   -10.797 3.231   1.00 24.42 ? 3   PRO B C   1 
ATOM   296 O O   . PRO B 2 3  ? 5.679   -10.162 2.191   1.00 26.46 ? 3   PRO B O   1 
ATOM   297 C CB  . PRO B 2 3  ? 7.385   -10.707 4.955   1.00 24.91 ? 3   PRO B CB  1 
ATOM   298 C CG  . PRO B 2 3  ? 8.417   -9.921  4.209   1.00 25.89 ? 3   PRO B CG  1 
ATOM   299 C CD  . PRO B 2 3  ? 8.959   -10.868 3.180   1.00 25.06 ? 3   PRO B CD  1 
ATOM   300 N N   . PRO B 2 4  ? 4.294   -10.899 3.863   1.00 25.59 ? 4   PRO B N   1 
ATOM   301 C CA  . PRO B 2 4  ? 3.076   -10.170 3.477   1.00 23.69 ? 4   PRO B CA  1 
ATOM   302 C C   . PRO B 2 4  ? 3.373   -8.653  3.495   1.00 24.29 ? 4   PRO B C   1 
ATOM   303 O O   . PRO B 2 4  ? 4.248   -8.270  4.277   1.00 26.64 ? 4   PRO B O   1 
ATOM   304 C CB  . PRO B 2 4  ? 2.053   -10.557 4.576   1.00 26.12 ? 4   PRO B CB  1 
ATOM   305 C CG  . PRO B 2 4  ? 2.566   -11.699 5.236   1.00 26.20 ? 4   PRO B CG  1 
ATOM   306 C CD  . PRO B 2 4  ? 4.051   -11.797 5.012   1.00 25.02 ? 4   PRO B CD  1 
ATOM   307 N N   . PRO B 2 5  ? 2.703   -7.787  2.688   1.00 21.74 ? 5   PRO B N   1 
ATOM   308 C CA  . PRO B 2 5  ? 2.865   -6.312  2.776   1.00 18.54 ? 5   PRO B CA  1 
ATOM   309 C C   . PRO B 2 5  ? 2.686   -5.893  4.240   1.00 16.66 ? 5   PRO B C   1 
ATOM   310 O O   . PRO B 2 5  ? 2.094   -6.638  5.009   1.00 17.35 ? 5   PRO B O   1 
ATOM   311 C CB  . PRO B 2 5  ? 1.671   -5.739  1.981   1.00 19.29 ? 5   PRO B CB  1 
ATOM   312 C CG  . PRO B 2 5  ? 1.348   -6.826  1.054   1.00 21.19 ? 5   PRO B CG  1 
ATOM   313 C CD  . PRO B 2 5  ? 1.734   -8.146  1.651   1.00 21.93 ? 5   PRO B CD  1 
ATOM   314 N N   . PRO B 2 6  ? 3.239   -4.730  4.598   1.00 13.58 ? 6   PRO B N   1 
ATOM   315 C CA  . PRO B 2 6  ? 2.987   -4.281  5.959   1.00 13.42 ? 6   PRO B CA  1 
ATOM   316 C C   . PRO B 2 6  ? 1.509   -4.036  6.189   1.00 12.55 ? 6   PRO B C   1 
ATOM   317 O O   . PRO B 2 6  ? 0.782   -3.792  5.217   1.00 13.06 ? 6   PRO B O   1 
ATOM   318 C CB  . PRO B 2 6  ? 3.782   -2.948  6.059   1.00 13.15 ? 6   PRO B CB  1 
ATOM   319 C CG  . PRO B 2 6  ? 4.467   -2.778  4.770   1.00 16.77 ? 6   PRO B CG  1 
ATOM   320 C CD  . PRO B 2 6  ? 3.930   -3.710  3.807   1.00 16.34 ? 6   PRO B CD  1 
ATOM   321 N N   . PRO B 2 7  ? 1.067   -4.089  7.449   1.00 12.06 ? 7   PRO B N   1 
ATOM   322 C CA  . PRO B 2 7  ? -0.313  -3.836  7.764   1.00 12.85 ? 7   PRO B CA  1 
ATOM   323 C C   . PRO B 2 7  ? -0.660  -2.375  7.571   1.00 12.32 ? 7   PRO B C   1 
ATOM   324 O O   . PRO B 2 7  ? 0.222   -1.511  7.552   1.00 12.46 ? 7   PRO B O   1 
ATOM   325 C CB  . PRO B 2 7  ? -0.420  -4.238  9.220   1.00 13.06 ? 7   PRO B CB  1 
ATOM   326 C CG  . PRO B 2 7  ? 0.931   -4.013  9.747   1.00 12.43 ? 7   PRO B CG  1 
ATOM   327 C CD  . PRO B 2 7  ? 1.899   -4.324  8.657   1.00 12.59 ? 7   PRO B CD  1 
ATOM   328 N N   . PRO B 2 8  ? -1.955  -2.076  7.488   1.00 12.99 ? 8   PRO B N   1 
ATOM   329 C CA  . PRO B 2 8  ? -2.403  -0.705  7.376   1.00 13.78 ? 8   PRO B CA  1 
ATOM   330 C C   . PRO B 2 8  ? -2.433  -0.015  8.730   1.00 14.76 ? 8   PRO B C   1 
ATOM   331 O O   . PRO B 2 8  ? -2.387  -0.686  9.772   1.00 15.14 ? 8   PRO B O   1 
ATOM   332 C CB  . PRO B 2 8  ? -3.838  -0.853  6.863   1.00 13.96 ? 8   PRO B CB  1 
ATOM   333 C CG  . PRO B 2 8  ? -4.303  -2.180  7.418   1.00 14.76 ? 8   PRO B CG  1 
ATOM   334 C CD  . PRO B 2 8  ? -3.053  -3.047  7.490   1.00 13.27 ? 8   PRO B CD  1 
ATOM   335 N N   . PRO B 2 9  ? -2.542  1.310   8.746   1.00 14.54 ? 9   PRO B N   1 
ATOM   336 C CA  . PRO B 2 9  ? -2.740  2.045   9.981   1.00 17.87 ? 9   PRO B CA  1 
ATOM   337 C C   . PRO B 2 9  ? -4.009  1.658   10.685  1.00 20.39 ? 9   PRO B C   1 
ATOM   338 O O   . PRO B 2 9  ? -4.984  1.112   10.110  1.00 21.12 ? 9   PRO B O   1 
ATOM   339 C CB  . PRO B 2 9  ? -2.862  3.505   9.472   1.00 19.32 ? 9   PRO B CB  1 
ATOM   340 C CG  . PRO B 2 9  ? -2.230  3.540   8.210   1.00 19.20 ? 9   PRO B CG  1 
ATOM   341 C CD  . PRO B 2 9  ? -2.474  2.226   7.593   1.00 15.01 ? 9   PRO B CD  1 
ATOM   342 N N   . LEU B 2 10 ? -3.975  2.015   11.954  0.50 19.65 ? 10  LEU B N   1 
ATOM   343 C CA  . LEU B 2 10 ? -5.079  1.798   12.893  0.50 20.91 ? 10  LEU B CA  1 
ATOM   344 C C   . LEU B 2 10 ? -5.816  3.102   13.005  0.50 21.22 ? 10  LEU B C   1 
ATOM   345 O O   . LEU B 2 10 ? -5.234  4.165   12.904  0.50 24.44 ? 10  LEU B O   1 
ATOM   346 C CB  . LEU B 2 10 ? -4.499  1.391   14.240  0.50 20.57 ? 10  LEU B CB  1 
ATOM   347 C CG  . LEU B 2 10 ? -3.791  0.031   14.247  0.50 19.70 ? 10  LEU B CG  1 
ATOM   348 C CD1 . LEU B 2 10 ? -3.198  -0.219  15.581  0.50 21.61 ? 10  LEU B CD1 1 
ATOM   349 C CD2 . LEU B 2 10 ? -4.711  -1.049  13.841  0.50 21.77 ? 10  LEU B CD2 1 
HETATM 350 C C1  . GOL C 3 .  ? -10.557 -1.056  -4.736  0.70 27.80 ? 101 GOL A C1  1 
HETATM 351 O O1  . GOL C 3 .  ? -9.820  -2.096  -4.150  0.70 31.68 ? 101 GOL A O1  1 
HETATM 352 C C2  . GOL C 3 .  ? -10.284 0.306   -4.119  0.70 29.12 ? 101 GOL A C2  1 
HETATM 353 O O2  . GOL C 3 .  ? -10.004 1.179   -5.160  0.70 34.01 ? 101 GOL A O2  1 
HETATM 354 C C3  . GOL C 3 .  ? -11.482 0.827   -3.340  0.70 26.96 ? 101 GOL A C3  1 
HETATM 355 O O3  . GOL C 3 .  ? -11.063 1.444   -2.126  1.00 21.86 ? 101 GOL A O3  1 
HETATM 356 O O   . HOH D 4 .  ? 3.549   0.899   7.589   1.00 17.54 ? 1   HOH A O   1 
HETATM 357 O O   . HOH D 4 .  ? 2.594   2.474   -8.549  1.00 30.21 ? 2   HOH A O   1 
HETATM 358 O O   . HOH D 4 .  ? 3.215   3.534   7.688   1.00 19.67 ? 3   HOH A O   1 
HETATM 359 O O   . HOH D 4 .  ? -3.896  6.245   6.684   1.00 20.13 ? 5   HOH A O   1 
HETATM 360 O O   . HOH D 4 .  ? -8.525  3.262   0.838   1.00 20.34 ? 7   HOH A O   1 
HETATM 361 O O   . HOH D 4 .  ? -4.471  -7.855  4.228   1.00 48.02 ? 8   HOH A O   1 
HETATM 362 O O   . HOH D 4 .  ? 6.062   7.564   6.111   1.00 22.26 ? 9   HOH A O   1 
HETATM 363 O O   . HOH D 4 .  ? 3.731   9.372   5.801   1.00 28.22 ? 10  HOH A O   1 
HETATM 364 O O   . HOH D 4 .  ? -3.824  -5.982  -4.323  1.00 26.44 ? 12  HOH A O   1 
HETATM 365 O O   . HOH D 4 .  ? 1.144   8.241   5.251   1.00 28.63 ? 13  HOH A O   1 
HETATM 366 O O   . HOH D 4 .  ? 11.578  3.468   5.635   1.00 28.58 ? 15  HOH A O   1 
HETATM 367 O O   . HOH D 4 .  ? 2.117   9.607   1.760   1.00 29.39 ? 16  HOH A O   1 
HETATM 368 O O   . HOH D 4 .  ? -7.126  11.562  5.444   1.00 26.28 ? 17  HOH A O   1 
HETATM 369 O O   . HOH D 4 .  ? -9.179  3.412   -1.692  1.00 27.09 ? 18  HOH A O   1 
HETATM 370 O O   . HOH D 4 .  ? 2.036   10.285  -3.666  1.00 29.80 ? 19  HOH A O   1 
HETATM 371 O O   . HOH D 4 .  ? -0.257  10.444  -0.172  1.00 29.62 ? 20  HOH A O   1 
HETATM 372 O O   . HOH D 4 .  ? 1.585   -2.605  -7.560  1.00 29.46 ? 21  HOH A O   1 
HETATM 373 O O   . HOH D 4 .  ? -10.670 -5.123  0.248   1.00 50.40 ? 22  HOH A O   1 
HETATM 374 O O   . HOH D 4 .  ? 4.671   8.539   -10.604 1.00 32.95 ? 23  HOH A O   1 
HETATM 375 O O   . HOH D 4 .  ? -4.608  7.071   -6.087  1.00 32.38 ? 24  HOH A O   1 
HETATM 376 O O   . HOH D 4 .  ? -2.669  11.043  -0.457  1.00 34.16 ? 26  HOH A O   1 
HETATM 377 O O   . HOH D 4 .  ? -15.061 -1.522  5.630   1.00 33.40 ? 27  HOH A O   1 
HETATM 378 O O   . HOH D 4 .  ? -2.659  -6.707  5.197   1.00 35.26 ? 28  HOH A O   1 
HETATM 379 O O   . HOH D 4 .  ? 6.572   -1.177  7.357   1.00 23.15 ? 31  HOH A O   1 
HETATM 380 O O   . HOH D 4 .  ? 2.066   9.782   -10.878 1.00 35.37 ? 32  HOH A O   1 
HETATM 381 O O   . HOH D 4 .  ? -8.452  2.304   -5.365  1.00 34.38 ? 33  HOH A O   1 
HETATM 382 O O   . HOH E 4 .  ? 5.541   -14.373 -0.522  1.00 19.04 ? 11  HOH B O   1 
HETATM 383 O O   . HOH E 4 .  ? 0.119   4.752   11.180  1.00 36.61 ? 12  HOH B O   1 
HETATM 384 O O   . HOH E 4 .  ? 5.676   -5.680  7.303   1.00 23.31 ? 13  HOH B O   1 
HETATM 385 O O   . HOH E 4 .  ? 2.518   -7.758  7.601   1.00 24.44 ? 14  HOH B O   1 
HETATM 386 O O   . HOH E 4 .  ? -0.247  -8.131  4.968   1.00 32.07 ? 15  HOH B O   1 
HETATM 387 O O   . HOH E 4 .  ? 4.945   -15.024 3.250   1.00 32.99 ? 16  HOH B O   1 
HETATM 388 O O   . HOH E 4 .  ? -6.005  -1.232  10.643  1.00 33.58 ? 17  HOH B O   1 
HETATM 389 O O   . HOH E 4 .  ? 6.345   -7.243  5.836   1.00 32.07 ? 18  HOH B O   1 
# 
loop_
_atom_site_anisotrop.id 
_atom_site_anisotrop.type_symbol 
_atom_site_anisotrop.pdbx_label_atom_id 
_atom_site_anisotrop.pdbx_label_alt_id 
_atom_site_anisotrop.pdbx_label_comp_id 
_atom_site_anisotrop.pdbx_label_asym_id 
_atom_site_anisotrop.pdbx_label_seq_id 
_atom_site_anisotrop.pdbx_PDB_ins_code 
_atom_site_anisotrop.U[1][1] 
_atom_site_anisotrop.U[2][2] 
_atom_site_anisotrop.U[3][3] 
_atom_site_anisotrop.U[1][2] 
_atom_site_anisotrop.U[1][3] 
_atom_site_anisotrop.U[2][3] 
_atom_site_anisotrop.pdbx_auth_seq_id 
_atom_site_anisotrop.pdbx_auth_comp_id 
_atom_site_anisotrop.pdbx_auth_asym_id 
_atom_site_anisotrop.pdbx_auth_atom_id 
1   N N   . SER A 2  ? 0.3882 0.3888 0.3769 0.0049  -0.0018 -0.0035 253 SER A N   
2   C CA  . SER A 2  ? 0.3760 0.3713 0.3593 0.0032  0.0040  -0.0010 253 SER A CA  
3   C C   . SER A 2  ? 0.3742 0.3646 0.3523 -0.0003 0.0049  -0.0007 253 SER A C   
4   O O   . SER A 2  ? 0.3883 0.3749 0.3461 -0.0008 0.0132  0.0079  253 SER A O   
5   C CB  . SER A 2  ? 0.3792 0.3766 0.3712 0.0058  0.0040  -0.0037 253 SER A CB  
6   O OG  . SER A 2  ? 0.4000 0.3751 0.3701 0.0046  0.0035  -0.0034 253 SER A OG  
7   N N   . ASP A 3  ? 0.3688 0.3542 0.3336 -0.0049 0.0055  0.0013  254 ASP A N   
8   C CA  . ASP A 3  ? 0.3547 0.3490 0.3182 -0.0042 0.0008  0.0039  254 ASP A CA  
9   C C   . ASP A 3  ? 0.3407 0.3336 0.2924 -0.0019 0.0091  0.0089  254 ASP A C   
10  O O   . ASP A 3  ? 0.3531 0.3334 0.3063 -0.0014 -0.0125 0.0112  254 ASP A O   
11  C CB  . ASP A 3  ? 0.3626 0.3611 0.3331 -0.0049 0.0035  -0.0003 254 ASP A CB  
12  C CG  . ASP A 3  ? 0.3789 0.3969 0.3495 -0.0057 0.0080  0.0080  254 ASP A CG  
13  O OD1 . ASP A 3  ? 0.3851 0.3925 0.3805 -0.0036 0.0133  0.0111  254 ASP A OD1 
14  O OD2 . ASP A 3  ? 0.4422 0.4229 0.3834 -0.0214 0.0136  -0.0026 254 ASP A OD2 
15  N N   . LEU A 4  ? 0.3472 0.3155 0.2646 -0.0098 0.0201  0.0206  255 LEU A N   
16  C CA  . LEU A 4  ? 0.3157 0.2916 0.2479 -0.0034 0.0169  0.0277  255 LEU A CA  
17  C C   . LEU A 4  ? 0.3061 0.2792 0.2213 -0.0063 0.0173  0.0260  255 LEU A C   
18  O O   . LEU A 4  ? 0.3337 0.2939 0.1850 -0.0080 0.0369  0.0297  255 LEU A O   
19  C CB  . LEU A 4  ? 0.2853 0.2706 0.2028 -0.0141 0.0209  0.0481  255 LEU A CB  
20  C CG  . LEU A 4  ? 0.2657 0.2584 0.2475 -0.0262 0.0123  0.0298  255 LEU A CG  
21  C CD1 . LEU A 4  ? 0.2465 0.2870 0.2375 -0.0030 0.0016  0.0613  255 LEU A CD1 
22  C CD2 . LEU A 4  ? 0.2927 0.2767 0.2818 0.0088  0.0042  0.0336  255 LEU A CD2 
23  N N   . PRO A 5  ? 0.2932 0.2704 0.2248 -0.0094 0.0174  0.0335  256 PRO A N   
24  C CA  . PRO A 5  ? 0.2969 0.2658 0.2170 -0.0158 0.0285  0.0430  256 PRO A CA  
25  C C   . PRO A 5  ? 0.2746 0.2735 0.2077 -0.0107 0.0440  0.0354  256 PRO A C   
26  O O   . PRO A 5  ? 0.2880 0.2600 0.1800 -0.0299 0.0443  0.0594  256 PRO A O   
27  C CB  . PRO A 5  ? 0.3000 0.2829 0.2359 -0.0211 0.0304  0.0357  256 PRO A CB  
28  C CG  . PRO A 5  ? 0.3057 0.2758 0.2519 -0.0201 0.0078  0.0355  256 PRO A CG  
29  C CD  . PRO A 5  ? 0.2745 0.2592 0.2455 -0.0140 0.0202  0.0289  256 PRO A CD  
30  N N   . ALA A 6  ? 0.2751 0.2691 0.2199 -0.0269 0.0673  0.0535  257 ALA A N   
31  C CA  . ALA A 6  ? 0.2720 0.2791 0.2267 -0.0227 0.0699  0.0381  257 ALA A CA  
32  C C   . ALA A 6  ? 0.2467 0.2725 0.2092 -0.0253 0.0861  0.0339  257 ALA A C   
33  O O   . ALA A 6  ? 0.2811 0.2643 0.2872 -0.0433 0.0683  0.0266  257 ALA A O   
34  C CB  . ALA A 6  ? 0.2789 0.3039 0.2585 -0.0175 0.0934  0.0400  257 ALA A CB  
35  N N   . GLY A 7  ? 0.2335 0.2749 0.1984 -0.0120 0.0673  0.0347  258 GLY A N   
36  C CA  . GLY A 7  ? 0.2172 0.2727 0.1862 -0.0214 0.0596  0.0413  258 GLY A CA  
37  C C   . GLY A 7  ? 0.1946 0.2471 0.2012 -0.0044 0.0588  0.0277  258 GLY A C   
38  O O   . GLY A 7  ? 0.2030 0.2980 0.1776 0.0052  0.0557  0.0313  258 GLY A O   
39  N N   . TRP A 8  ? 0.1916 0.2653 0.1587 -0.0194 0.0575  0.0366  259 TRP A N   
40  C CA  . TRP A 8  ? 0.1819 0.2433 0.1679 -0.0206 0.0539  0.0278  259 TRP A CA  
41  C C   . TRP A 8  ? 0.2052 0.2392 0.1652 -0.0205 0.0498  0.0192  259 TRP A C   
42  O O   . TRP A 8  ? 0.2425 0.2814 0.1822 -0.0263 0.0382  0.0077  259 TRP A O   
43  C CB  . TRP A 8  ? 0.1497 0.2284 0.1667 -0.0226 0.0387  0.0403  259 TRP A CB  
44  C CG  . TRP A 8  ? 0.1384 0.2019 0.1982 -0.0271 0.0478  0.0482  259 TRP A CG  
45  C CD1 . TRP A 8  ? 0.1989 0.1908 0.1845 -0.0260 0.0358  0.0716  259 TRP A CD1 
46  C CD2 . TRP A 8  ? 0.1165 0.1995 0.1723 0.0132  0.0306  0.0329  259 TRP A CD2 
47  N NE1 . TRP A 8  ? 0.1675 0.1801 0.2239 -0.0313 0.0364  0.0665  259 TRP A NE1 
48  C CE2 . TRP A 8  ? 0.1364 0.2021 0.1693 -0.0006 0.0196  0.0535  259 TRP A CE2 
49  C CE3 . TRP A 8  ? 0.1108 0.1968 0.1887 -0.0015 0.0458  0.0385  259 TRP A CE3 
50  C CZ2 . TRP A 8  ? 0.1257 0.1726 0.2169 -0.0134 0.0235  0.0174  259 TRP A CZ2 
51  C CZ3 . TRP A 8  ? 0.1279 0.1645 0.2016 -0.0140 0.0437  0.0378  259 TRP A CZ3 
52  C CH2 . TRP A 8  ? 0.1180 0.2082 0.2174 -0.0153 0.0483  0.0086  259 TRP A CH2 
53  N N   . MET A 9  ? 0.1951 0.2386 0.1756 -0.0086 0.0496  0.0090  260 MET A N   
54  C CA  A MET A 9  ? 0.2165 0.2491 0.1990 -0.0129 0.0462  0.0026  260 MET A CA  
55  C CA  B MET A 9  ? 0.1947 0.2452 0.1853 -0.0097 0.0396  -0.0026 260 MET A CA  
56  C C   . MET A 9  ? 0.2003 0.2243 0.1503 -0.0178 0.0492  0.0097  260 MET A C   
57  O O   . MET A 9  ? 0.1675 0.2275 0.1573 -0.0025 0.0469  -0.0217 260 MET A O   
58  C CB  A MET A 9  ? 0.2327 0.2542 0.2259 -0.0109 0.0355  0.0028  260 MET A CB  
59  C CB  B MET A 9  ? 0.1958 0.2467 0.1791 -0.0081 0.0445  -0.0037 260 MET A CB  
60  C CG  A MET A 9  ? 0.2578 0.2699 0.2543 0.0044  0.0380  -0.0077 260 MET A CG  
61  C CG  B MET A 9  ? 0.2098 0.2381 0.2048 0.0021  0.0259  -0.0093 260 MET A CG  
62  S SD  A MET A 9  ? 0.3047 0.2708 0.2959 -0.0032 0.0708  -0.0409 260 MET A SD  
63  S SD  B MET A 9  ? 0.1724 0.2538 0.2404 0.0154  0.0186  -0.0376 260 MET A SD  
64  C CE  A MET A 9  ? 0.2678 0.2655 0.2721 0.0063  0.0348  -0.0001 260 MET A CE  
65  C CE  B MET A 9  ? 0.1956 0.2236 0.2277 0.0083  0.0318  -0.0112 260 MET A CE  
66  N N   . ARG A 10 ? 0.1982 0.2876 0.1389 -0.0114 0.0373  -0.0132 261 ARG A N   
67  C CA  . ARG A 10 ? 0.1729 0.2721 0.1628 -0.0104 0.0114  -0.0327 261 ARG A CA  
68  C C   . ARG A 10 ? 0.1514 0.2746 0.1530 -0.0165 0.0137  -0.0480 261 ARG A C   
69  O O   . ARG A 10 ? 0.2315 0.2756 0.1650 -0.0281 0.0592  -0.0500 261 ARG A O   
70  C CB  . ARG A 10 ? 0.2123 0.3436 0.1792 -0.0031 0.0024  -0.0359 261 ARG A CB  
71  C CG  . ARG A 10 ? 0.2446 0.3166 0.2751 0.0084  -0.0447 -0.0243 261 ARG A CG  
72  C CD  . ARG A 10 ? 0.2492 0.3090 0.2883 0.0067  -0.0484 -0.0009 261 ARG A CD  
73  N NE  . ARG A 10 ? 0.2684 0.3308 0.3507 -0.0114 -0.0241 -0.0058 261 ARG A NE  
74  C CZ  . ARG A 10 ? 0.2865 0.3381 0.3327 -0.0027 -0.0547 0.0026  261 ARG A CZ  
75  N NH1 . ARG A 10 ? 0.3179 0.3559 0.3410 -0.0086 -0.0600 0.0044  261 ARG A NH1 
76  N NH2 . ARG A 10 ? 0.3340 0.3623 0.3821 0.0143  0.0154  0.0336  261 ARG A NH2 
77  N N   . VAL A 11 ? 0.1835 0.2598 0.1437 0.0050  0.0206  -0.0333 262 VAL A N   
78  C CA  . VAL A 11 ? 0.1903 0.2505 0.1683 0.0073  0.0091  -0.0303 262 VAL A CA  
79  C C   . VAL A 11 ? 0.1915 0.2369 0.2102 -0.0022 0.0071  -0.0107 262 VAL A C   
80  O O   . VAL A 11 ? 0.1550 0.2150 0.1946 -0.0174 0.0249  -0.0102 262 VAL A O   
81  C CB  . VAL A 11 ? 0.1850 0.2478 0.1512 0.0061  0.0250  -0.0178 262 VAL A CB  
82  C CG1 . VAL A 11 ? 0.2287 0.2465 0.1907 0.0130  0.0295  0.0031  262 VAL A CG1 
83  C CG2 . VAL A 11 ? 0.1425 0.2912 0.2070 0.0129  0.0265  -0.0002 262 VAL A CG2 
84  N N   . GLN A 12 ? 0.2507 0.2612 0.2944 0.0054  0.0127  -0.0462 263 GLN A N   
85  C CA  . GLN A 12 ? 0.2795 0.2982 0.3210 0.0027  0.0098  -0.0205 263 GLN A CA  
86  C C   . GLN A 12 ? 0.3115 0.3163 0.3356 0.0040  0.0274  -0.0190 263 GLN A C   
87  O O   . GLN A 12 ? 0.3937 0.3616 0.3989 0.0046  0.0189  0.0162  263 GLN A O   
88  C CB  . GLN A 12 ? 0.3226 0.3187 0.3224 0.0080  0.0203  -0.0138 263 GLN A CB  
89  C CG  . GLN A 12 ? 0.3012 0.2938 0.2624 0.0037  0.0002  -0.0238 263 GLN A CG  
90  C CD  . GLN A 12 ? 0.2626 0.2795 0.2949 -0.0045 0.0168  -0.0105 263 GLN A CD  
91  O OE1 . GLN A 12 ? 0.1877 0.2182 0.2542 0.0207  0.0289  -0.0234 263 GLN A OE1 
92  N NE2 . GLN A 12 ? 0.2811 0.2632 0.3049 0.0007  0.0061  -0.0125 263 GLN A NE2 
93  N N   . ASP A 13 ? 0.3361 0.3503 0.3752 -0.0042 0.0182  -0.0008 264 ASP A N   
94  C CA  . ASP A 13 ? 0.3522 0.3677 0.3746 -0.0057 0.0126  0.0009  264 ASP A CA  
95  C C   . ASP A 13 ? 0.3416 0.3552 0.3726 -0.0086 0.0177  0.0041  264 ASP A C   
96  O O   . ASP A 13 ? 0.3576 0.3317 0.3486 -0.0395 0.0164  0.0040  264 ASP A O   
97  C CB  . ASP A 13 ? 0.3738 0.3831 0.3941 -0.0129 0.0104  -0.0034 264 ASP A CB  
98  C CG  . ASP A 13 ? 0.4102 0.3815 0.4262 -0.0103 0.0040  -0.0084 264 ASP A CG  
99  O OD1 . ASP A 13 ? 0.5220 0.4834 0.5208 -0.0092 -0.0118 -0.0045 264 ASP A OD1 
100 O OD2 . ASP A 13 ? 0.4561 0.4700 0.4010 -0.0399 0.0135  -0.0224 264 ASP A OD2 
101 N N   . THR A 14 ? 0.3575 0.3491 0.3756 -0.0057 0.0144  0.0025  265 THR A N   
102 C CA  . THR A 14 ? 0.3634 0.3587 0.3775 -0.0086 0.0204  0.0066  265 THR A CA  
103 C C   . THR A 14 ? 0.3636 0.3569 0.3784 -0.0128 0.0195  0.0032  265 THR A C   
104 O O   . THR A 14 ? 0.3304 0.3363 0.3836 -0.0388 0.0349  0.0080  265 THR A O   
105 C CB  . THR A 14 ? 0.3813 0.3665 0.3747 -0.0037 0.0160  0.0041  265 THR A CB  
106 O OG1 . THR A 14 ? 0.4199 0.4007 0.3917 -0.0068 0.0126  0.0043  265 THR A OG1 
107 C CG2 . THR A 14 ? 0.3959 0.3697 0.3790 0.0008  0.0140  0.0182  265 THR A CG2 
108 N N   . SER A 15 ? 0.3566 0.3579 0.3895 -0.0207 0.0323  0.0069  266 SER A N   
109 C CA  . SER A 15 ? 0.3722 0.3662 0.3912 -0.0063 0.0191  0.0065  266 SER A CA  
110 C C   . SER A 15 ? 0.3594 0.3586 0.3872 -0.0094 0.0288  0.0066  266 SER A C   
111 O O   . SER A 15 ? 0.3595 0.3824 0.4163 -0.0091 0.0392  0.0088  266 SER A O   
112 C CB  . SER A 15 ? 0.4005 0.3711 0.4011 -0.0048 0.0110  -0.0015 266 SER A CB  
113 O OG  . SER A 15 ? 0.3866 0.3636 0.3830 0.0030  0.0152  0.0009  266 SER A OG  
114 N N   . GLY A 16 ? 0.3526 0.3455 0.3709 -0.0088 0.0243  -0.0021 267 GLY A N   
115 C CA  . GLY A 16 ? 0.3109 0.3304 0.3586 -0.0230 0.0440  0.0013  267 GLY A CA  
116 C C   . GLY A 16 ? 0.2828 0.3091 0.3222 -0.0192 0.0504  0.0039  267 GLY A C   
117 O O   . GLY A 16 ? 0.2680 0.3070 0.3052 -0.0580 0.0828  0.0415  267 GLY A O   
118 N N   . THR A 17 ? 0.2173 0.2725 0.3392 -0.0175 0.0706  -0.0019 268 THR A N   
119 C CA  . THR A 17 ? 0.1783 0.2406 0.2857 -0.0241 0.0532  -0.0022 268 THR A CA  
120 C C   . THR A 17 ? 0.1552 0.1841 0.2537 -0.0011 0.0419  0.0091  268 THR A C   
121 O O   . THR A 17 ? 0.1466 0.2122 0.3334 0.0029  0.0423  0.0018  268 THR A O   
122 C CB  . THR A 17 ? 0.1926 0.2569 0.3324 -0.0256 0.0102  -0.0061 268 THR A CB  
123 O OG1 . THR A 17 ? 0.2379 0.2933 0.3921 -0.0557 -0.0149 -0.0183 268 THR A OG1 
124 C CG2 . THR A 17 ? 0.2631 0.2956 0.2415 -0.0294 -0.0106 0.0078  268 THR A CG2 
125 N N   . TYR A 18 ? 0.1471 0.1711 0.1928 0.0016  0.0472  0.0209  269 TYR A N   
126 C CA  . TYR A 18 ? 0.1420 0.1645 0.1565 0.0036  0.0495  0.0258  269 TYR A CA  
127 C C   . TYR A 18 ? 0.1321 0.1625 0.1564 -0.0022 0.0395  0.0195  269 TYR A C   
128 O O   . TYR A 18 ? 0.1319 0.1947 0.1554 -0.0161 0.0354  0.0221  269 TYR A O   
129 C CB  . TYR A 18 ? 0.1294 0.1745 0.1692 -0.0144 0.0434  0.0227  269 TYR A CB  
130 C CG  . TYR A 18 ? 0.1533 0.1689 0.1371 -0.0187 0.0567  0.0302  269 TYR A CG  
131 C CD1 . TYR A 18 ? 0.1336 0.1777 0.1531 -0.0148 0.0447  0.0403  269 TYR A CD1 
132 C CD2 . TYR A 18 ? 0.1362 0.1559 0.1402 -0.0152 0.0325  0.0325  269 TYR A CD2 
133 C CE1 . TYR A 18 ? 0.1456 0.1479 0.1642 -0.0208 0.0395  0.0359  269 TYR A CE1 
134 C CE2 . TYR A 18 ? 0.1281 0.1619 0.1453 -0.0005 0.0423  0.0212  269 TYR A CE2 
135 C CZ  . TYR A 18 ? 0.1535 0.1835 0.1400 -0.0171 0.0276  0.0011  269 TYR A CZ  
136 O OH  . TYR A 18 ? 0.1975 0.1727 0.1822 0.0002  0.0120  0.0360  269 TYR A OH  
137 N N   . TYR A 19 ? 0.1215 0.1720 0.1356 -0.0109 0.0563  0.0231  270 TYR A N   
138 C CA  . TYR A 19 ? 0.1382 0.1630 0.1475 -0.0034 0.0560  0.0228  270 TYR A CA  
139 C C   . TYR A 19 ? 0.1322 0.1593 0.1388 0.0057  0.0559  0.0271  270 TYR A C   
140 O O   . TYR A 19 ? 0.1219 0.1924 0.1523 0.0140  0.0450  0.0270  270 TYR A O   
141 C CB  . TYR A 19 ? 0.1552 0.1811 0.1327 -0.0022 0.0480  0.0349  270 TYR A CB  
142 C CG  . TYR A 19 ? 0.1609 0.1946 0.1864 -0.0167 0.0363  0.0207  270 TYR A CG  
143 C CD1 . TYR A 19 ? 0.1745 0.2053 0.2021 0.0170  0.0144  0.0312  270 TYR A CD1 
144 C CD2 . TYR A 19 ? 0.1489 0.2028 0.1754 -0.0091 0.0293  0.0435  270 TYR A CD2 
145 C CE1 . TYR A 19 ? 0.2112 0.2424 0.1723 0.0033  0.0075  0.0298  270 TYR A CE1 
146 C CE2 . TYR A 19 ? 0.1624 0.2460 0.2009 -0.0189 0.0286  0.0386  270 TYR A CE2 
147 C CZ  . TYR A 19 ? 0.1519 0.2851 0.2164 -0.0148 -0.0006 0.0187  270 TYR A CZ  
148 O OH  . TYR A 19 ? 0.2050 0.3696 0.2776 -0.0083 -0.0342 0.0064  270 TYR A OH  
149 N N   . TRP A 20 ? 0.1419 0.1662 0.1558 0.0050  0.0502  0.0136  271 TRP A N   
150 C CA  . TRP A 20 ? 0.1397 0.1586 0.1518 -0.0078 0.0503  0.0295  271 TRP A CA  
151 C C   . TRP A 20 ? 0.1409 0.1698 0.1597 0.0061  0.0493  0.0228  271 TRP A C   
152 O O   . TRP A 20 ? 0.1600 0.1691 0.1401 0.0009  0.0606  0.0211  271 TRP A O   
153 C CB  . TRP A 20 ? 0.1495 0.1629 0.1626 0.0007  0.0734  0.0262  271 TRP A CB  
154 C CG  . TRP A 20 ? 0.1763 0.1461 0.1800 0.0152  0.0574  0.0406  271 TRP A CG  
155 C CD1 . TRP A 20 ? 0.1718 0.1706 0.1888 0.0474  0.0775  0.0375  271 TRP A CD1 
156 C CD2 . TRP A 20 ? 0.2036 0.1879 0.1769 0.0295  0.0587  0.0334  271 TRP A CD2 
157 N NE1 . TRP A 20 ? 0.1685 0.1964 0.2144 0.0230  0.0550  0.0336  271 TRP A NE1 
158 C CE2 . TRP A 20 ? 0.1817 0.2109 0.1930 0.0695  0.0669  0.0214  271 TRP A CE2 
159 C CE3 . TRP A 20 ? 0.1890 0.2050 0.1821 0.0318  0.0699  0.0275  271 TRP A CE3 
160 C CZ2 . TRP A 20 ? 0.1933 0.2336 0.2494 0.0612  0.0502  -0.0082 271 TRP A CZ2 
161 C CZ3 . TRP A 20 ? 0.2008 0.2211 0.2308 0.0375  0.0417  -0.0158 271 TRP A CZ3 
162 C CH2 . TRP A 20 ? 0.2105 0.2167 0.2512 0.0627  0.0401  -0.0128 271 TRP A CH2 
163 N N   . HIS A 21 ? 0.1190 0.1868 0.1377 0.0042  0.0549  0.0352  272 HIS A N   
164 C CA  . HIS A 21 ? 0.1356 0.1911 0.1637 0.0021  0.0515  0.0484  272 HIS A CA  
165 C C   . HIS A 21 ? 0.1463 0.2068 0.1755 -0.0101 0.0443  0.0531  272 HIS A C   
166 O O   . HIS A 21 ? 0.1276 0.2131 0.1890 0.0104  0.0471  0.0533  272 HIS A O   
167 C CB  . HIS A 21 ? 0.1099 0.1990 0.1471 0.0021  0.0365  0.0532  272 HIS A CB  
168 C CG  . HIS A 21 ? 0.1332 0.1745 0.1564 -0.0031 0.0411  0.0390  272 HIS A CG  
169 N ND1 . HIS A 21 ? 0.1534 0.2084 0.1582 0.0005  0.0356  0.0469  272 HIS A ND1 
170 C CD2 . HIS A 21 ? 0.1275 0.1983 0.1633 0.0003  0.0238  0.0436  272 HIS A CD2 
171 C CE1 . HIS A 21 ? 0.1304 0.1857 0.2030 -0.0310 0.0428  0.0439  272 HIS A CE1 
172 N NE2 . HIS A 21 ? 0.1404 0.2182 0.1999 -0.0030 0.0580  0.0318  272 HIS A NE2 
173 N N   . ILE A 22 ? 0.1495 0.1993 0.1905 0.0094  0.0518  0.0425  273 ILE A N   
174 C CA  A ILE A 22 ? 0.1704 0.2137 0.2002 0.0107  0.0502  0.0337  273 ILE A CA  
175 C CA  B ILE A 22 ? 0.1743 0.2127 0.2027 0.0123  0.0457  0.0295  273 ILE A CA  
176 C C   . ILE A 22 ? 0.1739 0.2396 0.2034 0.0177  0.0583  0.0214  273 ILE A C   
177 O O   . ILE A 22 ? 0.1508 0.2690 0.2288 0.0258  0.0705  0.0465  273 ILE A O   
178 C CB  A ILE A 22 ? 0.1785 0.2279 0.2101 0.0133  0.0526  0.0222  273 ILE A CB  
179 C CB  B ILE A 22 ? 0.1827 0.2232 0.2186 0.0160  0.0456  0.0185  273 ILE A CB  
180 C CG1 A ILE A 22 ? 0.2252 0.2473 0.2334 0.0114  0.0313  0.0041  273 ILE A CG1 
181 C CG1 B ILE A 22 ? 0.2120 0.2239 0.2289 0.0216  0.0133  0.0046  273 ILE A CG1 
182 C CG2 A ILE A 22 ? 0.1776 0.2093 0.1904 0.0118  0.0578  0.0257  273 ILE A CG2 
183 C CG2 B ILE A 22 ? 0.1873 0.2163 0.2320 0.0117  0.0467  0.0206  273 ILE A CG2 
184 C CD1 A ILE A 22 ? 0.2273 0.2184 0.2376 -0.0094 0.0502  0.0042  273 ILE A CD1 
185 C CD1 B ILE A 22 ? 0.2143 0.2211 0.2030 0.0207  0.0279  -0.0001 273 ILE A CD1 
186 N N   . PRO A 23 ? 0.1428 0.2374 0.1855 0.0222  0.0582  0.0255  274 PRO A N   
187 C CA  . PRO A 23 ? 0.1593 0.2297 0.2126 0.0125  0.0513  0.0394  274 PRO A CA  
188 C C   . PRO A 23 ? 0.1738 0.2391 0.2319 0.0071  0.0350  0.0416  274 PRO A C   
189 O O   . PRO A 23 ? 0.1579 0.2673 0.2157 0.0255  0.0360  0.0334  274 PRO A O   
190 C CB  . PRO A 23 ? 0.1552 0.2497 0.1802 0.0038  0.0587  0.0487  274 PRO A CB  
191 C CG  . PRO A 23 ? 0.1746 0.2490 0.1900 0.0069  0.0714  0.0199  274 PRO A CG  
192 C CD  . PRO A 23 ? 0.1678 0.2287 0.1805 0.0139  0.0596  0.0279  274 PRO A CD  
193 N N   . THR A 24 ? 0.1278 0.2297 0.1840 0.0067  0.0581  0.0451  275 THR A N   
194 C CA  . THR A 24 ? 0.1246 0.2329 0.2112 -0.0125 0.0351  0.0413  275 THR A CA  
195 C C   . THR A 24 ? 0.1623 0.2431 0.1840 0.0017  0.0418  0.0338  275 THR A C   
196 O O   . THR A 24 ? 0.1876 0.2634 0.1918 -0.0228 0.0268  0.0709  275 THR A O   
197 C CB  . THR A 24 ? 0.1249 0.2263 0.1867 -0.0244 0.0483  0.0506  275 THR A CB  
198 O OG1 . THR A 24 ? 0.1253 0.1993 0.1710 -0.0162 0.0526  0.0573  275 THR A OG1 
199 C CG2 . THR A 24 ? 0.1385 0.2065 0.2258 -0.0252 0.0616  0.0363  275 THR A CG2 
200 N N   . GLY A 25 ? 0.1395 0.2158 0.1862 0.0115  0.0447  0.0528  276 GLY A N   
201 C CA  . GLY A 25 ? 0.1537 0.2107 0.2038 0.0116  0.0453  0.0466  276 GLY A CA  
202 C C   . GLY A 25 ? 0.1596 0.1893 0.1926 0.0254  0.0446  0.0463  276 GLY A C   
203 O O   . GLY A 25 ? 0.1681 0.2200 0.2306 -0.0029 0.0921  0.0573  276 GLY A O   
204 N N   . THR A 26 ? 0.1460 0.1738 0.1816 -0.0016 0.0696  0.0625  277 THR A N   
205 C CA  . THR A 26 ? 0.1387 0.1837 0.1569 -0.0088 0.0509  0.0351  277 THR A CA  
206 C C   . THR A 26 ? 0.1380 0.1824 0.1418 -0.0004 0.0478  0.0365  277 THR A C   
207 O O   . THR A 26 ? 0.1285 0.1848 0.1661 -0.0073 0.0674  0.0328  277 THR A O   
208 C CB  . THR A 26 ? 0.1241 0.1870 0.1528 -0.0093 0.0597  0.0397  277 THR A CB  
209 O OG1 . THR A 26 ? 0.1479 0.2108 0.1867 -0.0247 0.0557  0.0465  277 THR A OG1 
210 C CG2 . THR A 26 ? 0.1441 0.1576 0.1963 -0.0025 0.0741  0.0269  277 THR A CG2 
211 N N   . THR A 27 ? 0.1239 0.1824 0.1587 -0.0007 0.0393  0.0414  278 THR A N   
212 C CA  . THR A 27 ? 0.1292 0.1712 0.1315 0.0073  0.0451  0.0439  278 THR A CA  
213 C C   . THR A 27 ? 0.1414 0.1655 0.1409 0.0087  0.0444  0.0334  278 THR A C   
214 O O   . THR A 27 ? 0.1373 0.2003 0.1568 0.0035  0.0431  0.0213  278 THR A O   
215 C CB  . THR A 27 ? 0.1320 0.1770 0.1212 -0.0093 0.0401  0.0415  278 THR A CB  
216 O OG1 . THR A 27 ? 0.1452 0.1795 0.1514 -0.0075 0.0491  0.0342  278 THR A OG1 
217 C CG2 . THR A 27 ? 0.1181 0.1823 0.1590 0.0075  0.0510  0.0479  278 THR A CG2 
218 N N   . GLN A 28 ? 0.1526 0.1690 0.1508 0.0072  0.0294  0.0230  279 GLN A N   
219 C CA  . GLN A 28 ? 0.1478 0.1726 0.1431 0.0167  0.0541  0.0166  279 GLN A CA  
220 C C   . GLN A 28 ? 0.1592 0.1573 0.1682 0.0277  0.0382  0.0237  279 GLN A C   
221 O O   . GLN A 28 ? 0.1226 0.1774 0.1716 0.0046  0.0426  0.0245  279 GLN A O   
222 C CB  . GLN A 28 ? 0.1503 0.2014 0.1829 0.0160  0.0327  0.0256  279 GLN A CB  
223 C CG  . GLN A 28 ? 0.1376 0.1823 0.1777 0.0061  0.0540  0.0251  279 GLN A CG  
224 C CD  . GLN A 28 ? 0.1436 0.1894 0.1891 0.0007  0.0298  0.0374  279 GLN A CD  
225 O OE1 . GLN A 28 ? 0.1605 0.2138 0.2301 -0.0144 0.0076  0.0304  279 GLN A OE1 
226 N NE2 . GLN A 28 ? 0.1546 0.1924 0.2292 -0.0052 0.0197  0.0575  279 GLN A NE2 
227 N N   . TRP A 29 ? 0.1475 0.1750 0.1704 0.0208  0.0440  0.0089  280 TRP A N   
228 C CA  . TRP A 29 ? 0.1371 0.1800 0.1774 0.0120  0.0447  0.0247  280 TRP A CA  
229 C C   . TRP A 29 ? 0.1349 0.1881 0.1861 0.0115  0.0488  0.0235  280 TRP A C   
230 O O   . TRP A 29 ? 0.1410 0.2007 0.1989 -0.0044 0.0320  0.0162  280 TRP A O   
231 C CB  . TRP A 29 ? 0.1389 0.1975 0.1933 0.0230  0.0562  0.0220  280 TRP A CB  
232 C CG  . TRP A 29 ? 0.1372 0.2120 0.1966 0.0045  0.0662  0.0186  280 TRP A CG  
233 C CD1 . TRP A 29 ? 0.1394 0.2146 0.2312 0.0282  0.0533  0.0499  280 TRP A CD1 
234 C CD2 . TRP A 29 ? 0.1282 0.2190 0.2411 0.0202  0.0700  0.0407  280 TRP A CD2 
235 N NE1 . TRP A 29 ? 0.1680 0.2356 0.2038 0.0262  0.0701  0.0458  280 TRP A NE1 
236 C CE2 . TRP A 29 ? 0.1565 0.2260 0.2743 0.0075  0.0585  0.0335  280 TRP A CE2 
237 C CE3 . TRP A 29 ? 0.1568 0.2059 0.2382 0.0237  0.0775  0.0390  280 TRP A CE3 
238 C CZ2 . TRP A 29 ? 0.1787 0.2420 0.2614 0.0234  0.0783  0.0550  280 TRP A CZ2 
239 C CZ3 . TRP A 29 ? 0.1754 0.2373 0.2437 -0.0068 0.0568  0.0138  280 TRP A CZ3 
240 C CH2 . TRP A 29 ? 0.1715 0.2262 0.2702 0.0068  0.0734  0.0290  280 TRP A CH2 
241 N N   . GLU A 30 ? 0.1629 0.1949 0.1942 -0.0006 0.0416  0.0060  281 GLU A N   
242 C CA  . GLU A 30 ? 0.1706 0.2002 0.2118 0.0129  0.0286  0.0203  281 GLU A CA  
243 C C   . GLU A 30 ? 0.1539 0.1904 0.2040 -0.0087 0.0303  0.0326  281 GLU A C   
244 O O   . GLU A 30 ? 0.1200 0.1964 0.2116 -0.0074 0.0212  0.0321  281 GLU A O   
245 C CB  . GLU A 30 ? 0.2533 0.2006 0.2353 0.0112  0.0099  0.0569  281 GLU A CB  
246 C CG  . GLU A 30 ? 0.2431 0.2379 0.2897 0.0122  0.0383  0.0165  281 GLU A CG  
247 C CD  . GLU A 30 ? 0.2465 0.2473 0.2719 0.0397  0.0378  -0.0247 281 GLU A CD  
248 O OE1 . GLU A 30 ? 0.2372 0.2224 0.2393 0.0504  0.0091  -0.0305 281 GLU A OE1 
249 O OE2 . GLU A 30 ? 0.3142 0.2583 0.2701 0.0659  0.0691  -0.0229 281 GLU A OE2 
250 N N   . PRO A 31 ? 0.1239 0.2511 0.1911 0.0163  0.0408  0.0265  282 PRO A N   
251 C CA  . PRO A 31 ? 0.1775 0.2367 0.1981 0.0039  0.0345  0.0321  282 PRO A CA  
252 C C   . PRO A 31 ? 0.1771 0.2374 0.2295 0.0068  0.0406  0.0330  282 PRO A C   
253 O O   . PRO A 31 ? 0.2156 0.2280 0.2711 0.0255  0.0660  0.0629  282 PRO A O   
254 C CB  . PRO A 31 ? 0.1718 0.2713 0.1911 -0.0014 0.0261  0.0277  282 PRO A CB  
255 C CG  . PRO A 31 ? 0.1693 0.3008 0.2418 0.0127  0.0147  0.0118  282 PRO A CG  
256 C CD  . PRO A 31 ? 0.1325 0.2664 0.2240 0.0170  0.0107  0.0315  282 PRO A CD  
257 N N   . PRO A 32 ? 0.1713 0.2145 0.1981 0.0077  0.0367  0.0529  283 PRO A N   
258 C CA  . PRO A 32 ? 0.1929 0.2313 0.2087 -0.0068 0.0388  0.0503  283 PRO A CA  
259 C C   . PRO A 32 ? 0.2117 0.2363 0.2308 -0.0259 0.0428  0.0613  283 PRO A C   
260 O O   . PRO A 32 ? 0.2577 0.2614 0.2847 -0.0334 0.0418  0.0829  283 PRO A O   
261 C CB  . PRO A 32 ? 0.1619 0.2438 0.2456 -0.0116 0.0261  0.0444  283 PRO A CB  
262 C CG  . PRO A 32 ? 0.1517 0.2370 0.2249 0.0175  0.0497  0.0195  283 PRO A CG  
263 C CD  . PRO A 32 ? 0.1512 0.2197 0.2074 0.0016  0.0597  0.0521  283 PRO A CD  
264 N N   . GLY A 33 ? 0.2495 0.2532 0.2311 -0.0180 0.0372  0.0815  284 GLY A N   
265 C CA  . GLY A 33 ? 0.2763 0.2714 0.2495 -0.0168 0.0380  0.0706  284 GLY A CA  
266 C C   . GLY A 33 ? 0.3130 0.3027 0.2904 -0.0144 0.0243  0.0390  284 GLY A C   
267 O O   . GLY A 33 ? 0.3216 0.3145 0.3069 -0.0059 0.0150  0.0347  284 GLY A O   
268 N N   . ARG A 34 ? 0.3550 0.3359 0.3174 -0.0108 0.0128  0.0324  285 ARG A N   
269 C CA  . ARG A 34 ? 0.3662 0.3552 0.3398 -0.0063 0.0147  0.0167  285 ARG A CA  
270 C C   . ARG A 34 ? 0.3691 0.3635 0.3635 -0.0077 0.0130  0.0142  285 ARG A C   
271 O O   . ARG A 34 ? 0.3666 0.3666 0.3547 -0.0073 0.0178  0.0093  285 ARG A O   
272 C CB  . ARG A 34 ? 0.3760 0.3713 0.3606 -0.0033 0.0058  0.0151  285 ARG A CB  
273 C CG  . ARG A 34 ? 0.3962 0.3948 0.3881 -0.0023 0.0040  0.0058  285 ARG A CG  
274 C CD  . ARG A 34 ? 0.4057 0.4022 0.4024 -0.0037 -0.0046 0.0045  285 ARG A CD  
275 N NE  . ARG A 34 ? 0.4288 0.4400 0.4340 -0.0009 0.0049  0.0059  285 ARG A NE  
276 C CZ  . ARG A 34 ? 0.4555 0.4500 0.4624 -0.0017 0.0041  0.0051  285 ARG A CZ  
277 N NH1 . ARG A 34 ? 0.4703 0.4726 0.4810 0.0057  -0.0019 0.0056  285 ARG A NH1 
278 N NH2 . ARG A 34 ? 0.4502 0.4464 0.4567 -0.0040 0.0082  0.0075  285 ARG A NH2 
279 N N   . PRO B 1  ? 0.3594 0.3671 0.3678 -0.0140 0.0022  0.0044  1   PRO B N   
280 C CA  . PRO B 1  ? 0.3402 0.3593 0.3463 -0.0087 0.0006  -0.0013 1   PRO B CA  
281 C C   . PRO B 1  ? 0.3187 0.3481 0.3146 -0.0122 0.0018  -0.0035 1   PRO B C   
282 O O   . PRO B 1  ? 0.3059 0.3522 0.3016 -0.0258 -0.0130 -0.0003 1   PRO B O   
283 C CB  . PRO B 1  ? 0.3559 0.3640 0.3781 -0.0109 -0.0097 -0.0055 1   PRO B CB  
284 C CG  . PRO B 1  ? 0.3778 0.4038 0.3702 -0.0073 -0.0013 0.0046  1   PRO B CG  
285 C CD  . PRO B 1  ? 0.3608 0.3900 0.3774 -0.0064 0.0018  0.0098  1   PRO B CD  
286 N N   . PRO B 2  ? 0.3076 0.3591 0.2657 -0.0127 0.0097  -0.0029 2   PRO B N   
287 C CA  . PRO B 2  ? 0.3186 0.3504 0.2774 -0.0112 0.0071  0.0129  2   PRO B CA  
288 C C   . PRO B 2  ? 0.3134 0.3467 0.2521 -0.0062 0.0023  -0.0031 2   PRO B C   
289 O O   . PRO B 2  ? 0.3250 0.3644 0.1549 -0.0167 -0.0082 0.0129  2   PRO B O   
290 C CB  . PRO B 2  ? 0.3384 0.3533 0.2898 -0.0175 0.0123  0.0138  2   PRO B CB  
291 C CG  . PRO B 2  ? 0.3297 0.3576 0.2886 -0.0019 0.0153  0.0032  2   PRO B CG  
292 C CD  . PRO B 2  ? 0.2946 0.3589 0.2675 -0.0089 0.0129  -0.0053 2   PRO B CD  
293 N N   . PRO B 3  ? 0.3071 0.3438 0.2529 -0.0071 -0.0170 0.0074  3   PRO B N   
294 C CA  . PRO B 3  ? 0.3090 0.3419 0.2672 -0.0006 -0.0172 -0.0123 3   PRO B CA  
295 C C   . PRO B 3  ? 0.3165 0.3470 0.2642 -0.0054 -0.0178 -0.0095 3   PRO B C   
296 O O   . PRO B 3  ? 0.3603 0.3576 0.2872 0.0031  -0.0397 -0.0197 3   PRO B O   
297 C CB  . PRO B 3  ? 0.3239 0.3410 0.2814 -0.0057 -0.0096 -0.0152 3   PRO B CB  
298 C CG  . PRO B 3  ? 0.3242 0.3561 0.3033 -0.0076 -0.0085 -0.0079 3   PRO B CG  
299 C CD  . PRO B 3  ? 0.3257 0.3497 0.2767 -0.0090 -0.0097 0.0065  3   PRO B CD  
300 N N   . PRO B 4  ? 0.3317 0.3533 0.2871 0.0008  -0.0194 -0.0161 4   PRO B N   
301 C CA  . PRO B 4  ? 0.3080 0.3288 0.2631 0.0040  -0.0179 -0.0157 4   PRO B CA  
302 C C   . PRO B 4  ? 0.3138 0.3321 0.2769 0.0026  -0.0281 -0.0326 4   PRO B C   
303 O O   . PRO B 4  ? 0.3429 0.3556 0.3136 -0.0035 -0.0539 -0.0694 4   PRO B O   
304 C CB  . PRO B 4  ? 0.3417 0.3442 0.3063 0.0030  -0.0096 -0.0220 4   PRO B CB  
305 C CG  . PRO B 4  ? 0.3271 0.3773 0.2911 -0.0061 -0.0190 -0.0099 4   PRO B CG  
306 C CD  . PRO B 4  ? 0.3161 0.3506 0.2839 -0.0006 0.0017  -0.0187 4   PRO B CD  
307 N N   . PRO B 5  ? 0.2753 0.3187 0.2317 0.0178  -0.0262 -0.0441 5   PRO B N   
308 C CA  . PRO B 5  ? 0.2316 0.2875 0.1852 0.0014  -0.0047 -0.0086 5   PRO B CA  
309 C C   . PRO B 5  ? 0.2029 0.2672 0.1625 0.0089  0.0166  -0.0058 5   PRO B C   
310 O O   . PRO B 5  ? 0.2743 0.2292 0.1555 0.0024  -0.0087 -0.0054 5   PRO B O   
311 C CB  . PRO B 5  ? 0.2282 0.3146 0.1903 0.0099  0.0178  -0.0053 5   PRO B CB  
312 C CG  . PRO B 5  ? 0.2469 0.3311 0.2272 0.0154  0.0040  -0.0188 5   PRO B CG  
313 C CD  . PRO B 5  ? 0.2694 0.3253 0.2382 -0.0064 -0.0232 -0.0384 5   PRO B CD  
314 N N   . PRO B 6  ? 0.1791 0.2159 0.1209 0.0010  0.0207  0.0155  6   PRO B N   
315 C CA  . PRO B 6  ? 0.1673 0.2070 0.1353 -0.0025 0.0273  0.0202  6   PRO B CA  
316 C C   . PRO B 6  ? 0.1684 0.1697 0.1387 -0.0172 0.0352  0.0379  6   PRO B C   
317 O O   . PRO B 6  ? 0.1582 0.2003 0.1376 -0.0087 0.0362  0.0444  6   PRO B O   
318 C CB  . PRO B 6  ? 0.1601 0.2069 0.1327 0.0075  0.0183  0.0409  6   PRO B CB  
319 C CG  . PRO B 6  ? 0.2105 0.2194 0.2073 -0.0102 0.0712  0.0160  6   PRO B CG  
320 C CD  . PRO B 6  ? 0.1800 0.2677 0.1733 -0.0180 0.0147  0.0330  6   PRO B CD  
321 N N   . PRO B 7  ? 0.1760 0.1595 0.1228 -0.0066 0.0305  0.0413  7   PRO B N   
322 C CA  . PRO B 7  ? 0.1795 0.1651 0.1435 -0.0176 0.0382  0.0337  7   PRO B CA  
323 C C   . PRO B 7  ? 0.1744 0.1590 0.1346 -0.0150 0.0501  0.0386  7   PRO B C   
324 O O   . PRO B 7  ? 0.1626 0.1702 0.1403 0.0013  0.0465  0.0562  7   PRO B O   
325 C CB  . PRO B 7  ? 0.1956 0.1546 0.1461 -0.0304 0.0263  0.0579  7   PRO B CB  
326 C CG  . PRO B 7  ? 0.1895 0.1539 0.1289 -0.0009 0.0267  0.0313  7   PRO B CG  
327 C CD  . PRO B 7  ? 0.1922 0.1597 0.1265 -0.0138 0.0271  0.0330  7   PRO B CD  
328 N N   . PRO B 8  ? 0.1682 0.1763 0.1491 -0.0158 0.0523  0.0363  8   PRO B N   
329 C CA  . PRO B 8  ? 0.1653 0.1969 0.1613 -0.0020 0.0482  0.0296  8   PRO B CA  
330 C C   . PRO B 8  ? 0.1685 0.2248 0.1673 0.0066  0.0561  0.0261  8   PRO B C   
331 O O   . PRO B 8  ? 0.1894 0.2466 0.1392 0.0111  0.0665  0.0236  8   PRO B O   
332 C CB  . PRO B 8  ? 0.1637 0.2106 0.1558 0.0048  0.0481  0.0162  8   PRO B CB  
333 C CG  . PRO B 8  ? 0.1640 0.2193 0.1772 -0.0182 0.0607  0.0351  8   PRO B CG  
334 C CD  . PRO B 8  ? 0.1620 0.2008 0.1414 -0.0191 0.0766  0.0354  8   PRO B CD  
335 N N   . PRO B 9  ? 0.1774 0.2188 0.1563 0.0171  0.0600  0.0128  9   PRO B N   
336 C CA  . PRO B 9  ? 0.2354 0.2444 0.1990 0.0106  0.0443  0.0143  9   PRO B CA  
337 C C   . PRO B 9  ? 0.2679 0.2762 0.2306 -0.0136 0.0417  0.0230  9   PRO B C   
338 O O   . PRO B 9  ? 0.2440 0.3506 0.2079 0.0142  0.0788  0.0182  9   PRO B O   
339 C CB  . PRO B 9  ? 0.2579 0.2384 0.2377 0.0446  0.0150  0.0100  9   PRO B CB  
340 C CG  . PRO B 9  ? 0.2430 0.2441 0.2424 0.0261  0.0130  0.0000  9   PRO B CG  
341 C CD  . PRO B 9  ? 0.1813 0.2069 0.1820 0.0158  0.0545  0.0163  9   PRO B CD  
342 N N   . LEU B 10 ? 0.2441 0.2910 0.2115 0.0011  0.0588  -0.0030 10  LEU B N   
343 C CA  . LEU B 10 ? 0.2657 0.2982 0.2303 -0.0012 0.0477  0.0077  10  LEU B CA  
344 C C   . LEU B 10 ? 0.2690 0.3017 0.2356 -0.0009 0.0440  0.0056  10  LEU B C   
345 O O   . LEU B 10 ? 0.2776 0.3569 0.2940 0.0097  0.0621  -0.0100 10  LEU B O   
346 C CB  . LEU B 10 ? 0.2717 0.2938 0.2159 -0.0049 0.0549  0.0065  10  LEU B CB  
347 C CG  . LEU B 10 ? 0.2547 0.2916 0.2023 -0.0004 0.0576  0.0272  10  LEU B CG  
348 C CD1 . LEU B 10 ? 0.2717 0.3009 0.2482 -0.0050 0.0384  0.0267  10  LEU B CD1 
349 C CD2 . LEU B 10 ? 0.2954 0.2928 0.2388 0.0115  0.0557  0.0284  10  LEU B CD2 
350 C C1  . GOL C .  ? 0.3560 0.3539 0.3462 -0.0053 -0.0241 -0.0115 101 GOL A C1  
351 O O1  . GOL C .  ? 0.3917 0.4028 0.4090 0.0045  -0.0419 -0.0159 101 GOL A O1  
352 C C2  . GOL C .  ? 0.3745 0.3544 0.3775 0.0131  -0.0065 -0.0128 101 GOL A C2  
353 O O2  . GOL C .  ? 0.4352 0.4282 0.4286 0.0026  -0.0126 -0.0111 101 GOL A O2  
354 C C3  . GOL C .  ? 0.3404 0.3375 0.3463 0.0057  -0.0067 -0.0147 101 GOL A C3  
355 O O3  . GOL C .  ? 0.2331 0.2783 0.3191 0.0077  -0.0071 -0.0216 101 GOL A O3  
356 O O   . HOH D .  ? 0.2108 0.2539 0.2014 -0.0294 0.0348  0.0717  1   HOH A O   
357 O O   . HOH D .  ? 0.4345 0.4265 0.2866 -0.0092 0.0442  0.0334  2   HOH A O   
358 O O   . HOH D .  ? 0.2411 0.3321 0.1739 0.0242  0.0449  0.0334  3   HOH A O   
359 O O   . HOH D .  ? 0.3049 0.2603 0.1995 0.0644  0.0333  -0.0149 5   HOH A O   
360 O O   . HOH D .  ? 0.2380 0.2390 0.2958 -0.0074 0.0930  0.0029  7   HOH A O   
361 O O   . HOH D .  ? 0.5816 0.6138 0.6290 -0.0385 -0.0078 0.0198  8   HOH A O   
362 O O   . HOH D .  ? 0.3062 0.3043 0.2351 -0.0869 0.0334  0.0427  9   HOH A O   
363 O O   . HOH D .  ? 0.3252 0.3432 0.4038 -0.0485 0.0367  -0.0573 10  HOH A O   
364 O O   . HOH D .  ? 0.2243 0.3321 0.4481 0.0204  0.0532  -0.1330 12  HOH A O   
365 O O   . HOH D .  ? 0.3455 0.3757 0.3667 -0.0068 0.0288  -0.0328 13  HOH A O   
366 O O   . HOH D .  ? 0.3333 0.4100 0.3424 -0.0556 -0.0024 0.0565  15  HOH A O   
367 O O   . HOH D .  ? 0.3091 0.3642 0.4431 -0.0642 -0.0030 0.0138  16  HOH A O   
368 O O   . HOH D .  ? 0.2226 0.3447 0.4311 0.0084  0.0180  -0.0233 17  HOH A O   
369 O O   . HOH D .  ? 0.3702 0.3551 0.3040 -0.0805 0.0360  -0.0745 18  HOH A O   
370 O O   . HOH D .  ? 0.3677 0.3652 0.3993 -0.0158 -0.0111 0.0201  19  HOH A O   
371 O O   . HOH D .  ? 0.4077 0.2807 0.4368 -0.0310 0.0135  0.0307  20  HOH A O   
372 O O   . HOH D .  ? 0.4229 0.3311 0.3652 -0.0349 0.0738  -0.0708 21  HOH A O   
373 O O   . HOH D .  ? 0.6243 0.6530 0.6375 0.0065  -0.0096 -0.0203 22  HOH A O   
374 O O   . HOH D .  ? 0.4807 0.4066 0.3643 -0.0728 0.0499  0.0928  23  HOH A O   
375 O O   . HOH D .  ? 0.4113 0.4835 0.3354 -0.0280 0.0552  0.0372  24  HOH A O   
376 O O   . HOH D .  ? 0.4703 0.3770 0.4504 -0.0441 0.0551  0.0020  26  HOH A O   
377 O O   . HOH D .  ? 0.3686 0.4103 0.4898 0.0125  0.0561  -0.0357 27  HOH A O   
378 O O   . HOH D .  ? 0.4293 0.3961 0.5141 -0.0382 -0.0277 0.0609  28  HOH A O   
379 O O   . HOH D .  ? 0.3071 0.2955 0.2770 0.0139  0.0374  0.0528  31  HOH A O   
380 O O   . HOH D .  ? 0.5017 0.3992 0.4430 0.0080  0.0658  0.1319  32  HOH A O   
381 O O   . HOH D .  ? 0.4752 0.4482 0.3827 0.0202  0.0652  0.0106  33  HOH A O   
382 O O   . HOH E .  ? 0.2224 0.3463 0.1545 -0.0202 -0.0029 0.0242  11  HOH B O   
383 O O   . HOH E .  ? 0.4457 0.4902 0.4549 -0.0416 -0.0064 0.0055  12  HOH B O   
384 O O   . HOH E .  ? 0.2829 0.3812 0.2214 0.0293  0.0188  0.1274  13  HOH B O   
385 O O   . HOH E .  ? 0.4333 0.3213 0.1736 -0.0025 -0.0055 -0.0103 14  HOH B O   
386 O O   . HOH E .  ? 0.4008 0.4034 0.4142 -0.0171 0.0037  -0.0155 15  HOH B O   
387 O O   . HOH E .  ? 0.3713 0.5079 0.3740 -0.0357 0.0255  -0.0075 16  HOH B O   
388 O O   . HOH E .  ? 0.4842 0.4793 0.3124 -0.0155 0.0606  0.0022  17  HOH B O   
389 O O   . HOH E .  ? 0.4325 0.4500 0.3358 -0.0102 0.0170  -0.0116 18  HOH B O   
# 
